data_8SSW
#
_entry.id   8SSW
#
_cell.length_a   68.611
_cell.length_b   68.611
_cell.length_c   213.878
_cell.angle_alpha   90.00
_cell.angle_beta   90.00
_cell.angle_gamma   120.00
#
_symmetry.space_group_name_H-M   'P 31'
#
loop_
_entity.id
_entity.type
_entity.pdbx_description
1 polymer 'ATP-dependent RNA helicase DDX3X'
2 polymer 'RNA (28-MER)'
3 non-polymer "ADENOSINE-5'-DIPHOSPHATE"
4 non-polymer 'MAGNESIUM ION'
5 non-polymer 1,2-ETHANEDIOL
6 water water
#
loop_
_entity_poly.entity_id
_entity_poly.type
_entity_poly.pdbx_seq_one_letter_code
_entity_poly.pdbx_strand_id
1 'polypeptide(L)'
;DEDDWSKPLPPSERLEQELFSGGNTGINFEKYDDIPVEATGNNCPPHIESFSDVEMGEIIMGNIELTRYTRPTPVQKHAI
PIIKEKRDLMACAQTGSGKTAAFLLPILSQIYSDGPGEALRAMKENGRYGRRKQYPISLVLAPTRELAVQIYEEARKFSY
RSRVRPCVVYGGADIGQQIRDLERGCHLLVATPGRLVDMMERGKIGLDFCKYLVLDEADRMLDMGFEPQIRRIVEQDTMP
PKGVRHTMMFSATFPKEIQMLARDFLDEYIFLAVGRVGSTSENITQKVVWVEESDKRSFLLDLLNATGKDSLTLVFVETK
KGADSLEDFLYHEGYACTSIHGDRSQRDREEALHQFRSGKSPILVATAVAARGLDISNVKHVINFDLPSDIEEYVHRIGR
TGRVGNLGLATSFFNERNINITKDLLDLLVEAKQEVPSWLENMAYEHHYKGSSRGRSKSSRFSGGFGARDYRQSSG
;
A,B
2 'polyribonucleotide' CAAGGUCAUUCGCAAGAGUGGCCUUGCG C,D
#
# COMPACT_ATOMS: atom_id res chain seq x y z
N ASP A 3 8.94 22.27 -21.19
CA ASP A 3 8.39 22.47 -19.86
C ASP A 3 7.55 21.27 -19.39
N ASP A 4 8.19 20.39 -18.65
CA ASP A 4 7.52 19.18 -18.15
C ASP A 4 6.79 19.52 -16.86
N TRP A 5 5.49 19.26 -16.83
CA TRP A 5 4.63 19.59 -15.70
C TRP A 5 4.50 18.47 -14.68
N SER A 6 5.04 17.29 -14.97
CA SER A 6 5.03 16.18 -14.02
C SER A 6 6.23 16.20 -13.08
N LYS A 7 7.12 17.18 -13.22
CA LYS A 7 8.32 17.26 -12.41
C LYS A 7 8.08 18.23 -11.25
N PRO A 8 8.22 17.80 -10.00
CA PRO A 8 8.03 18.72 -8.88
C PRO A 8 9.05 19.85 -8.91
N LEU A 9 8.58 21.05 -8.56
CA LEU A 9 9.41 22.23 -8.40
C LEU A 9 9.98 22.28 -6.98
N PRO A 10 10.96 23.13 -6.71
CA PRO A 10 11.65 23.07 -5.42
C PRO A 10 10.70 23.39 -4.29
N PRO A 11 10.95 22.85 -3.09
CA PRO A 11 10.03 23.08 -1.97
C PRO A 11 10.18 24.48 -1.40
N SER A 12 9.42 24.77 -0.35
CA SER A 12 9.51 26.04 0.36
C SER A 12 9.05 25.76 1.78
N GLU A 13 9.95 25.76 2.76
CA GLU A 13 9.54 25.37 4.13
C GLU A 13 8.33 26.19 4.57
N ARG A 14 8.33 27.48 4.27
CA ARG A 14 7.24 28.38 4.71
C ARG A 14 5.92 27.85 4.14
N LEU A 15 5.90 27.61 2.84
CA LEU A 15 4.65 27.11 2.20
C LEU A 15 4.20 25.83 2.93
N GLU A 16 5.12 24.88 3.16
CA GLU A 16 4.67 23.63 3.79
C GLU A 16 3.95 23.89 5.10
N GLN A 17 4.53 24.75 5.95
CA GLN A 17 3.93 25.01 7.25
C GLN A 17 2.57 25.68 7.10
N GLU A 18 2.49 26.70 6.23
CA GLU A 18 1.25 27.43 6.04
C GLU A 18 0.14 26.54 5.50
N LEU A 19 0.48 25.57 4.65
CA LEU A 19 -0.53 24.78 3.95
C LEU A 19 -0.94 23.52 4.71
N PHE A 20 0.00 22.89 5.42
CA PHE A 20 -0.18 21.54 5.92
C PHE A 20 -0.18 21.40 7.44
N SER A 21 0.37 22.39 8.17
CA SER A 21 0.53 22.26 9.62
C SER A 21 -0.77 21.88 10.31
N GLY A 22 -1.85 22.57 9.98
CA GLY A 22 -3.15 22.31 10.57
C GLY A 22 -4.23 22.15 9.52
N GLY A 23 -5.40 22.71 9.83
CA GLY A 23 -6.51 22.62 8.92
C GLY A 23 -7.10 21.23 8.88
N ASN A 24 -7.75 20.93 7.75
CA ASN A 24 -8.40 19.63 7.55
C ASN A 24 -7.39 18.64 7.01
N THR A 25 -6.59 18.10 7.92
CA THR A 25 -5.75 16.96 7.60
C THR A 25 -6.62 15.70 7.59
N GLY A 26 -6.00 14.54 7.49
CA GLY A 26 -6.77 13.31 7.31
C GLY A 26 -7.64 13.01 8.51
N ILE A 27 -8.83 12.49 8.24
CA ILE A 27 -9.70 11.90 9.25
C ILE A 27 -9.85 10.42 8.92
N ASN A 28 -9.76 9.58 9.94
CA ASN A 28 -9.92 8.14 9.71
C ASN A 28 -11.38 7.87 9.39
N PHE A 29 -11.67 7.64 8.10
N PHE A 29 -11.68 7.64 8.11
CA PHE A 29 -13.02 7.24 7.71
CA PHE A 29 -13.03 7.25 7.72
C PHE A 29 -13.21 5.79 8.11
C PHE A 29 -13.25 5.80 8.11
N GLU A 30 -13.18 5.54 9.42
CA GLU A 30 -13.12 4.19 9.98
C GLU A 30 -14.45 3.71 10.55
N LYS A 31 -15.16 4.58 11.26
CA LYS A 31 -16.52 4.24 11.65
C LYS A 31 -17.41 3.99 10.44
N TYR A 32 -16.98 4.44 9.25
CA TYR A 32 -17.68 4.27 7.99
C TYR A 32 -16.90 3.41 7.00
N ASP A 33 -16.04 2.50 7.47
CA ASP A 33 -15.46 1.52 6.56
C ASP A 33 -16.52 0.61 5.97
N ASP A 34 -17.55 0.28 6.76
CA ASP A 34 -18.71 -0.46 6.26
C ASP A 34 -19.59 0.51 5.49
N ILE A 35 -19.59 0.40 4.16
CA ILE A 35 -20.28 1.37 3.31
C ILE A 35 -21.19 0.68 2.30
N PRO A 36 -22.41 1.18 2.10
CA PRO A 36 -23.15 0.89 0.86
C PRO A 36 -22.73 1.90 -0.20
N VAL A 37 -21.94 1.45 -1.17
CA VAL A 37 -21.46 2.29 -2.25
C VAL A 37 -21.64 1.50 -3.55
N GLU A 38 -22.37 2.09 -4.50
CA GLU A 38 -22.62 1.48 -5.80
C GLU A 38 -22.34 2.50 -6.88
N ALA A 39 -21.58 2.09 -7.89
CA ALA A 39 -21.31 2.89 -9.08
C ALA A 39 -21.83 2.12 -10.29
N THR A 40 -22.83 2.69 -10.96
CA THR A 40 -23.50 2.03 -12.07
C THR A 40 -23.36 2.86 -13.33
N GLY A 41 -23.03 2.19 -14.43
CA GLY A 41 -22.85 2.86 -15.70
C GLY A 41 -22.18 1.93 -16.69
N ASN A 42 -22.17 2.38 -17.94
CA ASN A 42 -21.61 1.57 -19.01
C ASN A 42 -20.10 1.48 -18.87
N ASN A 43 -19.58 0.27 -18.76
CA ASN A 43 -18.15 0.00 -18.65
C ASN A 43 -17.51 0.80 -17.51
N CYS A 44 -18.16 0.75 -16.34
CA CYS A 44 -17.71 1.51 -15.19
C CYS A 44 -16.33 1.04 -14.77
N PRO A 45 -15.35 1.94 -14.67
CA PRO A 45 -14.01 1.53 -14.20
C PRO A 45 -14.07 1.00 -12.79
N PRO A 46 -13.28 -0.04 -12.48
CA PRO A 46 -13.32 -0.62 -11.13
C PRO A 46 -12.73 0.33 -10.11
N HIS A 47 -13.21 0.20 -8.87
CA HIS A 47 -12.75 1.07 -7.80
C HIS A 47 -11.34 0.70 -7.36
N ILE A 48 -10.77 1.55 -6.52
CA ILE A 48 -9.43 1.32 -5.98
C ILE A 48 -9.54 1.17 -4.47
N GLU A 49 -8.49 0.59 -3.88
CA GLU A 49 -8.38 0.47 -2.43
C GLU A 49 -7.24 1.28 -1.85
N SER A 50 -6.28 1.69 -2.67
CA SER A 50 -5.22 2.60 -2.25
C SER A 50 -4.89 3.50 -3.44
N PHE A 51 -4.26 4.64 -3.14
CA PHE A 51 -3.91 5.57 -4.20
C PHE A 51 -2.92 4.98 -5.20
N SER A 52 -2.20 3.92 -4.81
CA SER A 52 -1.22 3.31 -5.69
C SER A 52 -1.88 2.58 -6.86
N ASP A 53 -3.13 2.12 -6.70
CA ASP A 53 -3.77 1.31 -7.72
C ASP A 53 -3.93 2.05 -9.04
N VAL A 54 -3.86 3.38 -9.02
CA VAL A 54 -3.73 4.19 -10.23
C VAL A 54 -2.55 5.14 -10.03
N GLU A 55 -1.72 5.28 -11.05
CA GLU A 55 -0.52 6.10 -10.95
C GLU A 55 -0.90 7.57 -11.04
N MET A 56 -0.99 8.22 -9.88
CA MET A 56 -1.40 9.62 -9.79
C MET A 56 -0.28 10.59 -10.15
N GLY A 57 0.97 10.18 -10.01
CA GLY A 57 2.09 11.06 -10.29
C GLY A 57 2.85 11.41 -9.01
N GLU A 58 4.09 11.86 -9.21
CA GLU A 58 4.97 12.17 -8.08
C GLU A 58 4.46 13.36 -7.28
N ILE A 59 3.95 14.38 -7.97
CA ILE A 59 3.48 15.59 -7.27
C ILE A 59 2.27 15.26 -6.40
N ILE A 60 1.32 14.50 -6.94
CA ILE A 60 0.09 14.20 -6.20
C ILE A 60 0.38 13.32 -4.99
N MET A 61 1.14 12.24 -5.20
CA MET A 61 1.46 11.34 -4.10
C MET A 61 2.27 12.05 -3.02
N GLY A 62 3.15 12.97 -3.42
CA GLY A 62 3.88 13.75 -2.45
C GLY A 62 2.99 14.68 -1.65
N ASN A 63 2.03 15.32 -2.30
CA ASN A 63 1.14 16.23 -1.59
C ASN A 63 0.11 15.50 -0.75
N ILE A 64 -0.27 14.28 -1.15
CA ILE A 64 -1.15 13.47 -0.32
C ILE A 64 -0.48 13.13 1.00
N GLU A 65 0.81 12.79 0.95
CA GLU A 65 1.54 12.46 2.18
C GLU A 65 1.61 13.65 3.11
N LEU A 66 1.76 14.87 2.56
CA LEU A 66 1.81 16.06 3.38
C LEU A 66 0.47 16.38 4.03
N THR A 67 -0.63 16.06 3.36
CA THR A 67 -1.96 16.28 3.92
C THR A 67 -2.39 15.19 4.89
N ARG A 68 -1.58 14.13 5.05
CA ARG A 68 -1.85 13.05 5.99
C ARG A 68 -3.08 12.23 5.60
N TYR A 69 -3.21 11.94 4.31
CA TYR A 69 -4.21 11.00 3.82
C TYR A 69 -3.55 9.65 3.64
N THR A 70 -4.17 8.60 4.17
CA THR A 70 -3.61 7.26 4.04
C THR A 70 -4.22 6.46 2.90
N ARG A 71 -5.55 6.39 2.85
CA ARG A 71 -6.26 5.58 1.88
C ARG A 71 -7.44 6.40 1.37
N PRO A 72 -7.96 6.08 0.18
CA PRO A 72 -9.09 6.84 -0.35
C PRO A 72 -10.36 6.56 0.44
N THR A 73 -11.16 7.60 0.64
CA THR A 73 -12.46 7.46 1.28
C THR A 73 -13.37 6.64 0.36
N PRO A 74 -14.46 6.10 0.90
CA PRO A 74 -15.34 5.26 0.04
C PRO A 74 -15.79 5.94 -1.24
N VAL A 75 -16.10 7.24 -1.20
CA VAL A 75 -16.46 7.94 -2.43
C VAL A 75 -15.25 8.12 -3.32
N GLN A 76 -14.07 8.32 -2.73
CA GLN A 76 -12.84 8.47 -3.52
C GLN A 76 -12.45 7.16 -4.18
N LYS A 77 -12.81 6.02 -3.58
CA LYS A 77 -12.44 4.73 -4.16
C LYS A 77 -13.02 4.57 -5.55
N HIS A 78 -14.20 5.12 -5.81
CA HIS A 78 -14.84 5.05 -7.12
C HIS A 78 -14.59 6.29 -7.96
N ALA A 79 -14.68 7.48 -7.37
CA ALA A 79 -14.58 8.71 -8.15
C ALA A 79 -13.20 8.86 -8.80
N ILE A 80 -12.13 8.52 -8.06
CA ILE A 80 -10.79 8.72 -8.60
C ILE A 80 -10.52 7.90 -9.86
N PRO A 81 -10.74 6.58 -9.89
CA PRO A 81 -10.54 5.86 -11.16
C PRO A 81 -11.51 6.27 -12.24
N ILE A 82 -12.74 6.65 -11.89
CA ILE A 82 -13.71 7.08 -12.90
C ILE A 82 -13.21 8.34 -13.60
N ILE A 83 -12.76 9.32 -12.83
CA ILE A 83 -12.27 10.57 -13.42
C ILE A 83 -10.96 10.33 -14.16
N LYS A 84 -10.06 9.52 -13.59
CA LYS A 84 -8.76 9.30 -14.21
C LYS A 84 -8.89 8.61 -15.56
N GLU A 85 -9.97 7.85 -15.76
CA GLU A 85 -10.27 7.29 -17.08
C GLU A 85 -11.16 8.20 -17.92
N LYS A 86 -11.26 9.48 -17.55
CA LYS A 86 -11.92 10.51 -18.36
C LYS A 86 -13.42 10.27 -18.55
N ARG A 87 -14.07 9.69 -17.55
CA ARG A 87 -15.51 9.46 -17.60
C ARG A 87 -16.23 10.51 -16.76
N ASP A 88 -17.42 10.91 -17.22
CA ASP A 88 -18.24 11.84 -16.47
C ASP A 88 -18.86 11.15 -15.26
N LEU A 89 -19.13 11.93 -14.22
CA LEU A 89 -19.52 11.37 -12.94
C LEU A 89 -20.67 12.17 -12.33
N MET A 90 -21.71 11.46 -11.92
CA MET A 90 -22.79 12.02 -11.10
C MET A 90 -22.65 11.36 -9.74
N ALA A 91 -22.11 12.10 -8.78
CA ALA A 91 -21.74 11.55 -7.48
C ALA A 91 -22.66 12.15 -6.40
N CYS A 92 -23.46 11.29 -5.78
CA CYS A 92 -24.29 11.68 -4.65
C CYS A 92 -23.66 11.12 -3.38
N ALA A 93 -23.13 12.01 -2.54
CA ALA A 93 -22.48 11.62 -1.31
C ALA A 93 -22.74 12.65 -0.25
N GLN A 94 -22.87 12.20 1.00
CA GLN A 94 -23.22 13.09 2.10
C GLN A 94 -22.04 14.01 2.42
N THR A 95 -22.34 15.09 3.13
CA THR A 95 -21.31 16.04 3.53
C THR A 95 -20.29 15.37 4.44
N GLY A 96 -19.02 15.65 4.19
CA GLY A 96 -17.93 15.09 4.97
C GLY A 96 -17.47 13.73 4.51
N SER A 97 -17.42 13.50 3.20
CA SER A 97 -17.10 12.19 2.64
C SER A 97 -15.72 12.12 2.00
N GLY A 98 -14.91 13.18 2.09
CA GLY A 98 -13.69 13.28 1.30
C GLY A 98 -13.95 13.56 -0.17
N LYS A 99 -14.81 14.53 -0.47
CA LYS A 99 -15.46 14.68 -1.76
C LYS A 99 -14.81 15.77 -2.60
N THR A 100 -14.30 16.82 -1.93
CA THR A 100 -13.50 17.83 -2.61
C THR A 100 -12.25 17.20 -3.23
N ALA A 101 -11.52 16.39 -2.45
CA ALA A 101 -10.34 15.69 -2.96
C ALA A 101 -10.71 14.61 -3.97
N ALA A 102 -11.96 14.16 -4.00
CA ALA A 102 -12.35 13.11 -4.94
C ALA A 102 -12.24 13.58 -6.39
N PHE A 103 -12.38 14.88 -6.64
CA PHE A 103 -12.18 15.42 -7.98
C PHE A 103 -10.88 16.20 -8.15
N LEU A 104 -10.40 16.87 -7.11
CA LEU A 104 -9.16 17.64 -7.24
C LEU A 104 -7.97 16.75 -7.55
N LEU A 105 -7.85 15.61 -6.85
CA LEU A 105 -6.71 14.72 -7.07
C LEU A 105 -6.63 14.16 -8.48
N PRO A 106 -7.67 13.51 -9.02
CA PRO A 106 -7.56 13.00 -10.39
C PRO A 106 -7.43 14.10 -11.44
N ILE A 107 -8.07 15.24 -11.25
CA ILE A 107 -8.00 16.32 -12.23
C ILE A 107 -6.59 16.90 -12.29
N LEU A 108 -6.03 17.25 -11.12
CA LEU A 108 -4.68 17.80 -11.09
C LEU A 108 -3.65 16.79 -11.58
N SER A 109 -3.85 15.51 -11.25
CA SER A 109 -2.97 14.47 -11.76
C SER A 109 -3.01 14.41 -13.28
N GLN A 110 -4.20 14.53 -13.87
CA GLN A 110 -4.31 14.56 -15.32
C GLN A 110 -3.61 15.77 -15.91
N ILE A 111 -3.75 16.93 -15.28
CA ILE A 111 -3.11 18.14 -15.80
C ILE A 111 -1.60 18.03 -15.71
N TYR A 112 -1.09 17.43 -14.63
CA TYR A 112 0.35 17.24 -14.49
C TYR A 112 0.89 16.32 -15.58
N SER A 113 0.16 15.25 -15.89
CA SER A 113 0.61 14.29 -16.88
C SER A 113 0.43 14.83 -18.30
N ASP A 114 -0.78 15.32 -18.62
CA ASP A 114 -1.05 15.80 -19.97
C ASP A 114 -0.37 17.13 -20.27
N GLY A 115 0.08 17.85 -19.25
CA GLY A 115 0.62 19.17 -19.45
C GLY A 115 -0.48 20.18 -19.68
N PRO A 116 -0.10 21.42 -20.01
CA PRO A 116 -1.10 22.47 -20.22
C PRO A 116 -1.84 22.40 -21.56
N GLY A 117 -1.46 21.49 -22.45
CA GLY A 117 -2.08 21.39 -23.75
C GLY A 117 -1.46 22.33 -24.75
N GLU A 118 -1.79 22.09 -26.03
CA GLU A 118 -1.16 22.83 -27.12
C GLU A 118 -1.62 24.28 -27.17
N ALA A 119 -2.88 24.55 -26.82
CA ALA A 119 -3.41 25.91 -26.95
C ALA A 119 -2.65 26.89 -26.06
N LEU A 120 -2.39 26.51 -24.81
CA LEU A 120 -1.69 27.41 -23.89
C LEU A 120 -0.26 27.67 -24.34
N ARG A 121 0.44 26.63 -24.82
CA ARG A 121 1.82 26.80 -25.26
C ARG A 121 1.95 27.70 -26.48
N ALA A 122 0.87 27.88 -27.23
CA ALA A 122 0.88 28.69 -28.44
C ALA A 122 0.47 30.14 -28.19
N MET A 123 0.29 30.53 -26.94
CA MET A 123 -0.11 31.88 -26.59
C MET A 123 1.00 32.55 -25.79
N LYS A 124 0.86 33.87 -25.62
CA LYS A 124 1.83 34.64 -24.85
C LYS A 124 1.94 34.07 -23.45
N GLU A 125 3.17 33.85 -23.01
CA GLU A 125 3.37 33.43 -21.63
C GLU A 125 2.92 34.54 -20.68
N ASN A 126 2.48 34.15 -19.50
CA ASN A 126 2.07 35.14 -18.51
C ASN A 126 3.32 35.85 -18.02
N GLY A 127 3.56 37.05 -18.54
CA GLY A 127 4.70 37.83 -18.10
C GLY A 127 4.52 38.27 -16.66
N ARG A 128 5.58 38.87 -16.10
CA ARG A 128 5.48 39.38 -14.75
C ARG A 128 4.48 40.54 -14.65
N TYR A 129 4.17 41.18 -15.77
CA TYR A 129 2.92 41.93 -15.92
C TYR A 129 1.99 41.01 -16.73
N GLY A 130 1.34 40.10 -16.00
CA GLY A 130 0.59 39.02 -16.62
C GLY A 130 -0.43 39.44 -17.65
N ARG A 131 -0.83 38.49 -18.50
CA ARG A 131 -1.81 38.80 -19.53
C ARG A 131 -3.15 39.14 -18.91
N ARG A 132 -3.99 39.80 -19.71
CA ARG A 132 -5.26 40.31 -19.23
C ARG A 132 -6.28 39.19 -19.02
N LYS A 133 -6.47 38.36 -20.04
CA LYS A 133 -7.50 37.33 -20.02
C LYS A 133 -6.86 35.98 -19.75
N GLN A 134 -7.51 35.19 -18.89
CA GLN A 134 -7.03 33.88 -18.51
C GLN A 134 -7.99 32.80 -18.99
N TYR A 135 -7.43 31.64 -19.33
CA TYR A 135 -8.18 30.50 -19.86
C TYR A 135 -7.96 29.32 -18.93
N PRO A 136 -8.79 29.15 -17.90
CA PRO A 136 -8.57 28.06 -16.95
C PRO A 136 -8.73 26.70 -17.61
N ILE A 137 -7.82 25.78 -17.26
CA ILE A 137 -7.95 24.40 -17.70
C ILE A 137 -9.12 23.73 -17.02
N SER A 138 -9.34 24.03 -15.74
CA SER A 138 -10.37 23.39 -14.94
C SER A 138 -11.20 24.46 -14.24
N LEU A 139 -12.52 24.27 -14.24
CA LEU A 139 -13.45 25.18 -13.57
C LEU A 139 -14.24 24.38 -12.54
N VAL A 140 -14.26 24.88 -11.30
CA VAL A 140 -15.05 24.31 -10.23
C VAL A 140 -16.05 25.36 -9.76
N LEU A 141 -17.33 24.98 -9.74
CA LEU A 141 -18.41 25.89 -9.38
C LEU A 141 -18.95 25.51 -8.00
N ALA A 142 -19.07 26.51 -7.14
CA ALA A 142 -19.53 26.34 -5.76
C ALA A 142 -20.61 27.37 -5.46
N PRO A 143 -21.52 27.06 -4.52
CA PRO A 143 -22.64 27.98 -4.26
C PRO A 143 -22.31 29.18 -3.39
N THR A 144 -21.29 29.10 -2.53
CA THR A 144 -21.04 30.15 -1.56
C THR A 144 -19.56 30.50 -1.54
N ARG A 145 -19.25 31.67 -0.97
CA ARG A 145 -17.86 32.05 -0.73
C ARG A 145 -17.19 31.07 0.22
N GLU A 146 -17.88 30.68 1.30
CA GLU A 146 -17.28 29.80 2.30
C GLU A 146 -16.77 28.52 1.67
N LEU A 147 -17.65 27.78 0.99
CA LEU A 147 -17.24 26.52 0.38
C LEU A 147 -16.21 26.76 -0.72
N ALA A 148 -16.36 27.83 -1.49
CA ALA A 148 -15.41 28.12 -2.56
C ALA A 148 -14.01 28.34 -2.02
N VAL A 149 -13.88 29.07 -0.90
CA VAL A 149 -12.58 29.22 -0.26
C VAL A 149 -12.07 27.87 0.22
N GLN A 150 -12.96 27.05 0.78
CA GLN A 150 -12.55 25.75 1.28
C GLN A 150 -12.04 24.84 0.17
N ILE A 151 -12.71 24.87 -1.00
CA ILE A 151 -12.21 24.13 -2.15
C ILE A 151 -10.87 24.69 -2.60
N TYR A 152 -10.74 26.02 -2.62
CA TYR A 152 -9.51 26.66 -3.07
C TYR A 152 -8.33 26.30 -2.18
N GLU A 153 -8.54 26.27 -0.87
CA GLU A 153 -7.45 25.96 0.05
C GLU A 153 -6.92 24.54 -0.17
N GLU A 154 -7.82 23.58 -0.38
CA GLU A 154 -7.39 22.23 -0.71
C GLU A 154 -6.65 22.19 -2.03
N ALA A 155 -7.05 23.04 -2.98
CA ALA A 155 -6.34 23.12 -4.26
C ALA A 155 -4.92 23.62 -4.08
N ARG A 156 -4.71 24.57 -3.16
CA ARG A 156 -3.37 25.07 -2.89
C ARG A 156 -2.47 23.94 -2.40
N LYS A 157 -2.99 23.07 -1.53
CA LYS A 157 -2.19 21.96 -1.00
C LYS A 157 -1.84 20.97 -2.09
N PHE A 158 -2.78 20.66 -2.99
CA PHE A 158 -2.55 19.66 -4.01
C PHE A 158 -1.84 20.22 -5.24
N SER A 159 -1.84 21.54 -5.42
CA SER A 159 -1.05 22.18 -6.46
C SER A 159 0.32 22.59 -5.96
N TYR A 160 0.66 22.25 -4.72
CA TYR A 160 1.95 22.60 -4.15
C TYR A 160 3.07 21.97 -4.97
N ARG A 161 4.09 22.78 -5.30
CA ARG A 161 5.24 22.39 -6.12
C ARG A 161 4.88 22.12 -7.57
N SER A 162 3.77 22.67 -8.06
CA SER A 162 3.34 22.47 -9.43
C SER A 162 3.26 23.81 -10.16
N ARG A 163 3.25 23.73 -11.48
CA ARG A 163 3.04 24.91 -12.30
C ARG A 163 1.57 25.29 -12.41
N VAL A 164 0.67 24.48 -11.86
CA VAL A 164 -0.74 24.83 -11.79
C VAL A 164 -0.93 25.86 -10.69
N ARG A 165 -1.55 27.00 -11.03
CA ARG A 165 -1.82 28.04 -10.06
C ARG A 165 -3.32 28.18 -9.87
N PRO A 166 -3.86 27.86 -8.69
CA PRO A 166 -5.30 27.98 -8.48
C PRO A 166 -5.69 29.40 -8.11
N CYS A 167 -6.95 29.74 -8.42
CA CYS A 167 -7.53 31.02 -8.06
C CYS A 167 -8.98 30.81 -7.65
N VAL A 168 -9.49 31.72 -6.83
CA VAL A 168 -10.87 31.66 -6.36
C VAL A 168 -11.50 33.04 -6.49
N VAL A 169 -12.72 33.07 -7.02
CA VAL A 169 -13.50 34.30 -7.12
C VAL A 169 -14.91 34.02 -6.59
N TYR A 170 -15.47 34.99 -5.88
CA TYR A 170 -16.78 34.83 -5.28
C TYR A 170 -17.45 36.19 -5.17
N GLY A 171 -18.78 36.16 -5.10
CA GLY A 171 -19.54 37.38 -4.93
C GLY A 171 -19.41 37.95 -3.53
N GLY A 172 -19.89 39.18 -3.38
CA GLY A 172 -19.78 39.88 -2.12
C GLY A 172 -18.35 40.17 -1.70
N ALA A 173 -17.49 40.53 -2.66
CA ALA A 173 -16.11 40.84 -2.37
C ALA A 173 -15.60 41.80 -3.44
N ASP A 174 -14.42 42.37 -3.19
CA ASP A 174 -13.82 43.31 -4.12
C ASP A 174 -13.46 42.58 -5.41
N ILE A 175 -14.15 42.93 -6.49
CA ILE A 175 -13.79 42.40 -7.80
C ILE A 175 -12.34 42.76 -8.14
N GLY A 176 -11.83 43.86 -7.57
CA GLY A 176 -10.52 44.36 -7.95
C GLY A 176 -9.40 43.40 -7.60
N GLN A 177 -9.40 42.89 -6.36
CA GLN A 177 -8.37 41.95 -5.95
C GLN A 177 -8.43 40.71 -6.81
N GLN A 178 -9.63 40.21 -7.08
CA GLN A 178 -9.79 38.97 -7.83
C GLN A 178 -9.25 39.10 -9.24
N ILE A 179 -9.45 40.26 -9.88
CA ILE A 179 -8.97 40.45 -11.24
C ILE A 179 -7.44 40.37 -11.28
N ARG A 180 -6.78 41.09 -10.38
CA ARG A 180 -5.32 41.09 -10.38
C ARG A 180 -4.73 39.81 -9.79
N ASP A 181 -5.49 39.07 -8.99
CA ASP A 181 -5.06 37.72 -8.64
C ASP A 181 -5.17 36.79 -9.85
N LEU A 182 -6.19 37.00 -10.67
CA LEU A 182 -6.30 36.25 -11.94
C LEU A 182 -5.18 36.64 -12.89
N GLU A 183 -4.86 37.93 -12.97
CA GLU A 183 -3.86 38.40 -13.93
C GLU A 183 -2.48 37.80 -13.69
N ARG A 184 -2.23 37.28 -12.49
CA ARG A 184 -0.99 36.57 -12.21
C ARG A 184 -1.03 35.11 -12.68
N GLY A 185 -2.04 34.72 -13.43
CA GLY A 185 -2.13 33.37 -13.94
C GLY A 185 -3.22 32.57 -13.25
N CYS A 186 -3.91 31.74 -14.03
CA CYS A 186 -4.99 30.91 -13.49
C CYS A 186 -5.15 29.69 -14.39
N HIS A 187 -4.98 28.51 -13.81
CA HIS A 187 -5.18 27.24 -14.50
C HIS A 187 -6.38 26.47 -13.98
N LEU A 188 -6.62 26.49 -12.67
CA LEU A 188 -7.79 25.90 -12.06
C LEU A 188 -8.55 27.01 -11.34
N LEU A 189 -9.82 27.17 -11.66
CA LEU A 189 -10.63 28.26 -11.13
C LEU A 189 -11.76 27.71 -10.29
N VAL A 190 -11.83 28.16 -9.04
CA VAL A 190 -12.99 27.94 -8.18
C VAL A 190 -13.80 29.22 -8.19
N ALA A 191 -15.11 29.11 -8.44
CA ALA A 191 -15.91 30.30 -8.62
C ALA A 191 -17.35 30.05 -8.18
N THR A 192 -17.96 31.09 -7.62
CA THR A 192 -19.41 31.11 -7.51
C THR A 192 -19.99 31.59 -8.85
N PRO A 193 -21.16 31.08 -9.24
CA PRO A 193 -21.65 31.35 -10.60
C PRO A 193 -21.80 32.83 -10.94
N GLY A 194 -22.32 33.64 -10.02
CA GLY A 194 -22.55 35.04 -10.34
C GLY A 194 -21.27 35.81 -10.62
N ARG A 195 -20.27 35.64 -9.75
CA ARG A 195 -19.01 36.35 -9.93
C ARG A 195 -18.28 35.88 -11.19
N LEU A 196 -18.44 34.61 -11.56
CA LEU A 196 -17.80 34.11 -12.77
C LEU A 196 -18.42 34.72 -14.03
N VAL A 197 -19.75 34.87 -14.05
CA VAL A 197 -20.41 35.50 -15.19
C VAL A 197 -19.90 36.91 -15.40
N ASP A 198 -19.70 37.65 -14.30
CA ASP A 198 -19.15 39.00 -14.40
C ASP A 198 -17.76 38.98 -15.00
N MET A 199 -16.91 38.04 -14.56
CA MET A 199 -15.53 37.99 -15.05
C MET A 199 -15.48 37.75 -16.55
N MET A 200 -16.34 36.85 -17.06
CA MET A 200 -16.39 36.62 -18.50
C MET A 200 -16.82 37.88 -19.25
N GLU A 201 -17.83 38.57 -18.73
CA GLU A 201 -18.31 39.79 -19.37
C GLU A 201 -17.26 40.90 -19.39
N ARG A 202 -16.27 40.83 -18.51
CA ARG A 202 -15.16 41.77 -18.52
C ARG A 202 -14.04 41.35 -19.46
N GLY A 203 -14.19 40.21 -20.13
CA GLY A 203 -13.10 39.68 -20.93
C GLY A 203 -11.92 39.23 -20.10
N LYS A 204 -12.15 38.84 -18.85
CA LYS A 204 -11.08 38.38 -17.98
C LYS A 204 -10.92 36.87 -17.97
N ILE A 205 -12.01 36.13 -18.16
CA ILE A 205 -11.99 34.67 -18.13
C ILE A 205 -12.53 34.16 -19.47
N GLY A 206 -11.77 33.25 -20.09
CA GLY A 206 -12.22 32.54 -21.27
C GLY A 206 -12.28 31.06 -20.99
N LEU A 207 -13.38 30.43 -21.41
CA LEU A 207 -13.62 29.01 -21.18
C LEU A 207 -13.33 28.15 -22.41
N ASP A 208 -12.63 28.71 -23.40
CA ASP A 208 -12.38 27.98 -24.64
C ASP A 208 -11.57 26.72 -24.42
N PHE A 209 -10.78 26.65 -23.35
CA PHE A 209 -9.87 25.54 -23.12
C PHE A 209 -10.16 24.78 -21.84
N CYS A 210 -11.33 24.99 -21.23
CA CYS A 210 -11.67 24.31 -19.99
C CYS A 210 -12.01 22.85 -20.28
N LYS A 211 -11.19 21.93 -19.76
CA LYS A 211 -11.37 20.51 -20.01
C LYS A 211 -11.98 19.77 -18.83
N TYR A 212 -12.01 20.37 -17.65
CA TYR A 212 -12.54 19.73 -16.45
C TYR A 212 -13.52 20.69 -15.78
N LEU A 213 -14.80 20.34 -15.78
CA LEU A 213 -15.84 21.14 -15.17
C LEU A 213 -16.41 20.38 -13.97
N VAL A 214 -16.45 21.03 -12.82
CA VAL A 214 -16.96 20.44 -11.59
C VAL A 214 -18.05 21.33 -11.02
N LEU A 215 -19.20 20.74 -10.70
CA LEU A 215 -20.29 21.41 -10.03
C LEU A 215 -20.41 20.80 -8.64
N ASP A 216 -19.85 21.47 -7.64
CA ASP A 216 -19.88 20.98 -6.26
C ASP A 216 -21.11 21.52 -5.55
N GLU A 217 -21.72 20.68 -4.73
CA GLU A 217 -22.94 21.03 -4.00
C GLU A 217 -24.03 21.51 -4.98
N ALA A 218 -24.19 20.75 -6.07
CA ALA A 218 -25.06 21.18 -7.16
C ALA A 218 -26.51 21.35 -6.70
N ASP A 219 -26.95 20.55 -5.72
CA ASP A 219 -28.31 20.69 -5.22
C ASP A 219 -28.53 22.06 -4.58
N ARG A 220 -27.57 22.51 -3.77
CA ARG A 220 -27.69 23.84 -3.15
C ARG A 220 -27.58 24.95 -4.19
N MET A 221 -26.77 24.75 -5.23
CA MET A 221 -26.63 25.78 -6.26
C MET A 221 -27.97 26.03 -6.96
N LEU A 222 -28.74 24.97 -7.22
CA LEU A 222 -30.06 25.16 -7.80
C LEU A 222 -31.01 25.83 -6.82
N ASP A 223 -30.96 25.43 -5.54
CA ASP A 223 -31.84 26.03 -4.53
C ASP A 223 -31.58 27.51 -4.38
N MET A 224 -30.34 27.95 -4.57
CA MET A 224 -29.98 29.35 -4.43
C MET A 224 -30.23 30.16 -5.69
N GLY A 225 -30.78 29.57 -6.74
CA GLY A 225 -31.12 30.29 -7.94
C GLY A 225 -30.00 30.46 -8.94
N PHE A 226 -28.94 29.67 -8.85
CA PHE A 226 -27.78 29.81 -9.73
C PHE A 226 -27.94 29.07 -11.06
N GLU A 227 -29.07 28.41 -11.28
CA GLU A 227 -29.27 27.67 -12.53
C GLU A 227 -29.10 28.52 -13.78
N PRO A 228 -29.72 29.71 -13.90
CA PRO A 228 -29.48 30.51 -15.12
C PRO A 228 -28.04 30.91 -15.30
N GLN A 229 -27.34 31.28 -14.23
CA GLN A 229 -25.92 31.62 -14.35
C GLN A 229 -25.12 30.41 -14.81
N ILE A 230 -25.39 29.24 -14.25
CA ILE A 230 -24.67 28.03 -14.62
C ILE A 230 -24.88 27.71 -16.10
N ARG A 231 -26.14 27.78 -16.55
CA ARG A 231 -26.44 27.48 -17.94
C ARG A 231 -25.79 28.51 -18.88
N ARG A 232 -25.77 29.78 -18.48
CA ARG A 232 -25.04 30.78 -19.24
C ARG A 232 -23.55 30.46 -19.26
N ILE A 233 -23.01 30.01 -18.13
CA ILE A 233 -21.58 29.65 -18.06
C ILE A 233 -21.27 28.48 -18.97
N VAL A 234 -22.11 27.45 -18.94
CA VAL A 234 -21.79 26.18 -19.59
C VAL A 234 -22.32 26.12 -21.02
N GLU A 235 -23.57 26.51 -21.24
CA GLU A 235 -24.23 26.26 -22.51
C GLU A 235 -24.21 27.44 -23.47
N GLN A 236 -24.03 28.67 -22.98
CA GLN A 236 -24.19 29.87 -23.80
C GLN A 236 -22.87 30.59 -24.06
N ASP A 237 -21.76 29.87 -24.00
CA ASP A 237 -20.45 30.49 -24.17
C ASP A 237 -19.51 29.49 -24.84
N THR A 238 -18.20 29.74 -24.73
CA THR A 238 -17.19 29.03 -25.49
C THR A 238 -16.71 27.74 -24.81
N MET A 239 -17.31 27.34 -23.69
CA MET A 239 -16.86 26.12 -23.03
C MET A 239 -17.10 24.93 -23.94
N PRO A 240 -16.13 24.02 -24.08
CA PRO A 240 -16.32 22.87 -24.94
C PRO A 240 -17.48 22.02 -24.45
N PRO A 241 -18.15 21.31 -25.36
CA PRO A 241 -19.38 20.61 -25.01
C PRO A 241 -19.08 19.31 -24.27
N LYS A 242 -20.16 18.62 -23.89
CA LYS A 242 -20.05 17.33 -23.22
C LYS A 242 -19.38 16.32 -24.15
N GLY A 243 -18.59 15.44 -23.56
CA GLY A 243 -17.81 14.47 -24.30
C GLY A 243 -16.46 14.98 -24.76
N VAL A 244 -16.29 16.30 -24.85
CA VAL A 244 -14.99 16.91 -25.09
C VAL A 244 -14.42 17.31 -23.75
N ARG A 245 -15.12 18.19 -23.04
CA ARG A 245 -14.81 18.47 -21.66
C ARG A 245 -15.18 17.27 -20.79
N HIS A 246 -14.56 17.18 -19.63
CA HIS A 246 -14.87 16.15 -18.65
C HIS A 246 -15.62 16.83 -17.50
N THR A 247 -16.84 16.37 -17.25
CA THR A 247 -17.75 17.04 -16.34
C THR A 247 -18.07 16.12 -15.17
N MET A 248 -18.03 16.69 -13.95
CA MET A 248 -18.37 15.97 -12.74
C MET A 248 -19.36 16.80 -11.93
N MET A 249 -20.35 16.13 -11.35
CA MET A 249 -21.36 16.79 -10.53
C MET A 249 -21.44 16.08 -9.18
N PHE A 250 -21.27 16.85 -8.11
CA PHE A 250 -21.33 16.33 -6.76
C PHE A 250 -22.49 17.00 -6.02
N SER A 251 -23.19 16.22 -5.20
CA SER A 251 -24.38 16.70 -4.53
C SER A 251 -24.70 15.78 -3.35
N ALA A 252 -25.11 16.38 -2.23
CA ALA A 252 -25.47 15.58 -1.07
C ALA A 252 -26.82 14.90 -1.27
N THR A 253 -27.69 15.49 -2.09
CA THR A 253 -28.99 14.92 -2.39
C THR A 253 -29.13 14.76 -3.91
N PHE A 254 -30.06 13.91 -4.32
CA PHE A 254 -30.31 13.63 -5.73
C PHE A 254 -31.79 13.86 -6.05
N PRO A 255 -32.23 15.11 -6.08
CA PRO A 255 -33.60 15.39 -6.51
C PRO A 255 -33.73 15.25 -8.02
N LYS A 256 -34.99 15.27 -8.47
CA LYS A 256 -35.27 15.22 -9.91
C LYS A 256 -34.63 16.39 -10.64
N GLU A 257 -34.52 17.55 -9.98
N GLU A 257 -34.53 17.54 -9.98
CA GLU A 257 -33.90 18.71 -10.62
CA GLU A 257 -33.90 18.72 -10.57
C GLU A 257 -32.42 18.48 -10.92
C GLU A 257 -32.45 18.43 -10.94
N ILE A 258 -31.73 17.72 -10.06
CA ILE A 258 -30.33 17.42 -10.31
C ILE A 258 -30.18 16.38 -11.41
N GLN A 259 -31.05 15.36 -11.44
CA GLN A 259 -30.96 14.33 -12.47
C GLN A 259 -31.13 14.92 -13.86
N MET A 260 -32.09 15.84 -14.02
CA MET A 260 -32.29 16.50 -15.31
C MET A 260 -31.06 17.32 -15.70
N LEU A 261 -30.46 18.02 -14.73
CA LEU A 261 -29.25 18.78 -15.01
C LEU A 261 -28.10 17.85 -15.39
N ALA A 262 -28.02 16.68 -14.76
CA ALA A 262 -26.95 15.73 -15.10
C ALA A 262 -27.10 15.23 -16.53
N ARG A 263 -28.33 14.92 -16.96
CA ARG A 263 -28.53 14.44 -18.32
C ARG A 263 -28.17 15.51 -19.35
N ASP A 264 -28.39 16.78 -19.02
CA ASP A 264 -28.03 17.85 -19.94
C ASP A 264 -26.51 18.06 -19.99
N PHE A 265 -25.84 17.93 -18.85
CA PHE A 265 -24.43 18.30 -18.74
C PHE A 265 -23.46 17.13 -18.88
N LEU A 266 -23.86 15.92 -18.54
CA LEU A 266 -22.95 14.79 -18.47
C LEU A 266 -23.11 13.86 -19.67
N ASP A 267 -22.00 13.29 -20.11
CA ASP A 267 -21.95 12.42 -21.28
C ASP A 267 -21.47 11.04 -20.85
N GLU A 268 -22.27 10.01 -21.16
CA GLU A 268 -21.95 8.62 -20.84
C GLU A 268 -21.45 8.47 -19.40
N TYR A 269 -22.20 9.07 -18.48
CA TYR A 269 -21.72 9.24 -17.12
C TYR A 269 -22.01 8.02 -16.25
N ILE A 270 -21.30 7.96 -15.12
CA ILE A 270 -21.50 6.94 -14.10
C ILE A 270 -22.27 7.57 -12.95
N PHE A 271 -23.23 6.85 -12.40
CA PHE A 271 -23.97 7.29 -11.23
C PHE A 271 -23.36 6.63 -10.00
N LEU A 272 -22.89 7.46 -9.06
CA LEU A 272 -22.21 7.00 -7.86
C LEU A 272 -23.01 7.45 -6.65
N ALA A 273 -23.43 6.49 -5.82
CA ALA A 273 -24.22 6.75 -4.63
C ALA A 273 -23.52 6.19 -3.41
N VAL A 274 -23.52 6.97 -2.33
CA VAL A 274 -22.93 6.57 -1.06
C VAL A 274 -24.01 6.75 0.01
N GLY A 275 -24.46 5.64 0.59
CA GLY A 275 -25.50 5.67 1.61
C GLY A 275 -26.63 4.69 1.36
N SER A 281 -34.18 1.06 8.04
CA SER A 281 -34.80 0.02 8.85
C SER A 281 -35.25 0.57 10.21
N GLU A 282 -36.20 1.49 10.18
CA GLU A 282 -36.73 2.09 11.41
C GLU A 282 -38.10 1.57 11.81
N ASN A 283 -38.84 0.97 10.89
CA ASN A 283 -40.07 0.26 11.23
C ASN A 283 -39.80 -1.16 11.71
N ILE A 284 -38.58 -1.43 12.14
CA ILE A 284 -38.18 -2.74 12.66
C ILE A 284 -37.60 -2.51 14.05
N THR A 285 -38.28 -3.02 15.07
CA THR A 285 -37.73 -2.99 16.41
C THR A 285 -36.60 -4.01 16.52
N GLN A 286 -35.45 -3.57 17.01
CA GLN A 286 -34.25 -4.39 17.04
C GLN A 286 -33.77 -4.52 18.48
N LYS A 287 -33.50 -5.76 18.90
CA LYS A 287 -33.01 -6.06 20.23
C LYS A 287 -31.73 -6.86 20.13
N VAL A 288 -30.77 -6.57 21.02
CA VAL A 288 -29.54 -7.32 21.15
C VAL A 288 -29.41 -7.76 22.59
N VAL A 289 -29.15 -9.06 22.80
CA VAL A 289 -29.02 -9.63 24.13
C VAL A 289 -27.76 -10.49 24.17
N TRP A 290 -27.08 -10.48 25.32
CA TRP A 290 -25.92 -11.34 25.49
C TRP A 290 -26.37 -12.75 25.82
N VAL A 291 -25.95 -13.72 25.02
CA VAL A 291 -26.29 -15.12 25.22
C VAL A 291 -25.03 -15.96 24.99
N GLU A 292 -24.62 -16.72 26.00
N GLU A 292 -24.64 -16.74 26.01
CA GLU A 292 -23.53 -17.67 25.81
CA GLU A 292 -23.55 -17.69 25.82
C GLU A 292 -23.98 -18.78 24.87
C GLU A 292 -24.02 -18.79 24.88
N GLU A 293 -23.04 -19.43 24.21
CA GLU A 293 -23.36 -20.44 23.21
C GLU A 293 -24.21 -21.56 23.77
N SER A 294 -23.89 -22.04 24.97
CA SER A 294 -24.64 -23.10 25.60
C SER A 294 -26.04 -22.67 26.04
N ASP A 295 -26.34 -21.37 26.03
CA ASP A 295 -27.64 -20.88 26.44
C ASP A 295 -28.52 -20.45 25.29
N LYS A 296 -28.02 -20.52 24.05
CA LYS A 296 -28.79 -20.03 22.91
C LYS A 296 -30.07 -20.82 22.69
N ARG A 297 -30.06 -22.13 23.00
CA ARG A 297 -31.26 -22.93 22.81
C ARG A 297 -32.33 -22.59 23.83
N SER A 298 -31.96 -22.43 25.10
CA SER A 298 -32.95 -22.08 26.12
C SER A 298 -33.52 -20.68 25.88
N PHE A 299 -32.68 -19.75 25.43
CA PHE A 299 -33.16 -18.40 25.13
C PHE A 299 -34.16 -18.41 23.98
N LEU A 300 -33.90 -19.23 22.96
CA LEU A 300 -34.81 -19.31 21.82
C LEU A 300 -36.18 -19.87 22.26
N LEU A 301 -36.17 -20.85 23.17
CA LEU A 301 -37.43 -21.45 23.61
C LEU A 301 -38.32 -20.43 24.31
N ASP A 302 -37.74 -19.58 25.16
CA ASP A 302 -38.53 -18.58 25.87
C ASP A 302 -39.18 -17.61 24.89
N LEU A 303 -38.46 -17.20 23.85
CA LEU A 303 -39.03 -16.32 22.84
C LEU A 303 -40.17 -17.01 22.09
N LEU A 304 -39.98 -18.30 21.74
CA LEU A 304 -41.02 -19.02 21.02
C LEU A 304 -42.27 -19.21 21.86
N ASN A 305 -42.10 -19.54 23.14
CA ASN A 305 -43.24 -19.69 24.03
C ASN A 305 -44.00 -18.39 24.22
N ALA A 306 -43.34 -17.25 24.00
CA ALA A 306 -43.98 -15.95 24.10
C ALA A 306 -44.53 -15.45 22.77
N THR A 307 -44.38 -16.24 21.70
CA THR A 307 -44.89 -15.85 20.40
C THR A 307 -46.39 -16.12 20.32
N GLY A 308 -47.11 -15.20 19.68
CA GLY A 308 -48.52 -15.45 19.40
C GLY A 308 -48.70 -16.70 18.57
N LYS A 309 -49.88 -17.31 18.71
CA LYS A 309 -50.14 -18.60 18.08
C LYS A 309 -49.95 -18.56 16.57
N ASP A 310 -50.24 -17.43 15.95
CA ASP A 310 -50.36 -17.33 14.49
C ASP A 310 -49.34 -16.38 13.89
N SER A 311 -48.13 -16.33 14.45
CA SER A 311 -47.09 -15.46 13.96
C SER A 311 -45.91 -16.27 13.44
N LEU A 312 -45.38 -15.86 12.29
CA LEU A 312 -44.24 -16.55 11.70
C LEU A 312 -42.94 -16.04 12.32
N THR A 313 -42.05 -16.97 12.65
CA THR A 313 -40.75 -16.66 13.20
C THR A 313 -39.68 -17.21 12.27
N LEU A 314 -38.71 -16.37 11.92
CA LEU A 314 -37.59 -16.76 11.07
C LEU A 314 -36.33 -16.73 11.93
N VAL A 315 -35.65 -17.87 12.03
CA VAL A 315 -34.51 -18.03 12.91
C VAL A 315 -33.29 -18.30 12.05
N PHE A 316 -32.33 -17.39 12.07
CA PHE A 316 -31.13 -17.50 11.27
C PHE A 316 -30.00 -18.14 12.06
N VAL A 317 -29.29 -19.06 11.41
CA VAL A 317 -28.16 -19.76 12.01
C VAL A 317 -26.97 -19.64 11.07
N GLU A 318 -25.79 -20.05 11.56
CA GLU A 318 -24.55 -19.89 10.82
C GLU A 318 -24.31 -21.01 9.80
N THR A 319 -24.41 -22.26 10.22
CA THR A 319 -24.01 -23.39 9.38
C THR A 319 -25.22 -24.25 9.01
N LYS A 320 -25.04 -25.04 7.94
CA LYS A 320 -26.07 -25.98 7.53
C LYS A 320 -26.30 -27.05 8.59
N LYS A 321 -25.21 -27.57 9.18
CA LYS A 321 -25.34 -28.53 10.26
C LYS A 321 -26.09 -27.91 11.44
N GLY A 322 -25.80 -26.64 11.76
CA GLY A 322 -26.52 -25.98 12.82
C GLY A 322 -28.01 -25.87 12.54
N ALA A 323 -28.38 -25.68 11.27
CA ALA A 323 -29.79 -25.62 10.91
C ALA A 323 -30.47 -26.96 11.13
N ASP A 324 -29.85 -28.05 10.68
CA ASP A 324 -30.41 -29.37 10.89
C ASP A 324 -30.53 -29.70 12.37
N SER A 325 -29.46 -29.41 13.14
CA SER A 325 -29.46 -29.74 14.56
C SER A 325 -30.53 -28.94 15.31
N LEU A 326 -30.65 -27.65 15.00
CA LEU A 326 -31.66 -26.82 15.67
C LEU A 326 -33.07 -27.27 15.32
N GLU A 327 -33.28 -27.72 14.08
CA GLU A 327 -34.62 -28.17 13.68
C GLU A 327 -35.04 -29.39 14.48
N ASP A 328 -34.16 -30.40 14.58
CA ASP A 328 -34.50 -31.62 15.29
C ASP A 328 -34.69 -31.36 16.79
N PHE A 329 -33.91 -30.44 17.34
CA PHE A 329 -34.07 -30.09 18.75
C PHE A 329 -35.45 -29.48 19.00
N LEU A 330 -35.83 -28.50 18.18
CA LEU A 330 -37.14 -27.87 18.34
C LEU A 330 -38.27 -28.89 18.13
N TYR A 331 -38.10 -29.78 17.16
CA TYR A 331 -39.12 -30.79 16.90
C TYR A 331 -39.28 -31.72 18.10
N HIS A 332 -38.16 -32.20 18.66
CA HIS A 332 -38.23 -33.06 19.83
C HIS A 332 -38.74 -32.32 21.07
N GLU A 333 -38.71 -30.99 21.06
CA GLU A 333 -39.26 -30.19 22.14
C GLU A 333 -40.73 -29.83 21.92
N GLY A 334 -41.32 -30.27 20.80
CA GLY A 334 -42.73 -30.06 20.56
C GLY A 334 -43.08 -28.86 19.71
N TYR A 335 -42.11 -28.19 19.10
CA TYR A 335 -42.35 -27.02 18.28
C TYR A 335 -42.37 -27.42 16.81
N ALA A 336 -43.45 -27.09 16.11
CA ALA A 336 -43.55 -27.37 14.69
C ALA A 336 -42.66 -26.40 13.92
N CYS A 337 -41.65 -26.94 13.24
CA CYS A 337 -40.66 -26.10 12.59
C CYS A 337 -40.20 -26.77 11.30
N THR A 338 -39.44 -26.04 10.52
CA THR A 338 -38.80 -26.57 9.31
C THR A 338 -37.49 -25.82 9.11
N SER A 339 -36.75 -26.22 8.07
CA SER A 339 -35.43 -25.66 7.85
C SER A 339 -35.12 -25.57 6.36
N ILE A 340 -34.17 -24.69 6.04
CA ILE A 340 -33.72 -24.51 4.66
C ILE A 340 -32.27 -24.03 4.69
N HIS A 341 -31.47 -24.56 3.77
CA HIS A 341 -30.09 -24.12 3.60
C HIS A 341 -29.62 -24.50 2.20
N GLY A 342 -28.35 -24.19 1.91
CA GLY A 342 -27.85 -24.32 0.55
C GLY A 342 -27.84 -25.75 0.03
N ASP A 343 -27.58 -26.73 0.90
CA ASP A 343 -27.54 -28.12 0.47
C ASP A 343 -28.92 -28.70 0.19
N ARG A 344 -29.98 -27.99 0.51
CA ARG A 344 -31.33 -28.50 0.29
C ARG A 344 -31.68 -28.44 -1.20
N SER A 345 -32.23 -29.54 -1.71
CA SER A 345 -32.72 -29.57 -3.08
C SER A 345 -33.87 -28.59 -3.23
N GLN A 346 -34.16 -28.22 -4.48
CA GLN A 346 -35.25 -27.29 -4.74
C GLN A 346 -36.58 -27.83 -4.22
N ARG A 347 -36.80 -29.15 -4.34
CA ARG A 347 -38.02 -29.75 -3.82
C ARG A 347 -38.09 -29.59 -2.30
N ASP A 348 -36.99 -29.87 -1.60
CA ASP A 348 -36.99 -29.76 -0.15
C ASP A 348 -37.18 -28.32 0.30
N ARG A 349 -36.63 -27.36 -0.44
CA ARG A 349 -36.87 -25.95 -0.13
C ARG A 349 -38.34 -25.60 -0.29
N GLU A 350 -38.98 -26.08 -1.38
CA GLU A 350 -40.39 -25.79 -1.59
C GLU A 350 -41.25 -26.42 -0.51
N GLU A 351 -40.90 -27.63 -0.07
CA GLU A 351 -41.63 -28.27 1.02
C GLU A 351 -41.55 -27.43 2.28
N ALA A 352 -40.35 -26.96 2.62
CA ALA A 352 -40.15 -26.19 3.84
C ALA A 352 -40.91 -24.86 3.77
N LEU A 353 -40.81 -24.17 2.63
CA LEU A 353 -41.52 -22.90 2.48
C LEU A 353 -43.02 -23.11 2.50
N HIS A 354 -43.49 -24.21 1.91
CA HIS A 354 -44.92 -24.50 1.91
C HIS A 354 -45.46 -24.66 3.33
N GLN A 355 -44.72 -25.39 4.17
CA GLN A 355 -45.10 -25.50 5.58
C GLN A 355 -45.02 -24.17 6.30
N PHE A 356 -44.05 -23.33 5.92
CA PHE A 356 -43.83 -22.07 6.61
C PHE A 356 -44.95 -21.06 6.30
N ARG A 357 -45.28 -20.90 5.02
CA ARG A 357 -46.28 -19.91 4.64
C ARG A 357 -47.70 -20.36 4.98
N SER A 358 -47.95 -21.67 5.00
CA SER A 358 -49.25 -22.16 5.42
C SER A 358 -49.44 -22.05 6.93
N GLY A 359 -48.36 -21.85 7.68
CA GLY A 359 -48.44 -21.78 9.12
C GLY A 359 -48.40 -23.11 9.84
N LYS A 360 -48.39 -24.23 9.09
CA LYS A 360 -48.29 -25.54 9.73
C LYS A 360 -46.99 -25.67 10.51
N SER A 361 -45.91 -25.06 10.02
CA SER A 361 -44.63 -25.00 10.73
C SER A 361 -44.18 -23.55 10.73
N PRO A 362 -44.69 -22.74 11.67
CA PRO A 362 -44.45 -21.30 11.64
C PRO A 362 -43.05 -20.88 12.06
N ILE A 363 -42.12 -21.81 12.25
CA ILE A 363 -40.74 -21.50 12.61
C ILE A 363 -39.85 -22.02 11.49
N LEU A 364 -39.08 -21.13 10.88
CA LEU A 364 -38.17 -21.50 9.80
C LEU A 364 -36.74 -21.26 10.28
N VAL A 365 -35.97 -22.34 10.34
CA VAL A 365 -34.56 -22.28 10.71
C VAL A 365 -33.77 -22.23 9.41
N ALA A 366 -33.10 -21.11 9.17
CA ALA A 366 -32.47 -20.86 7.87
C ALA A 366 -31.06 -20.33 8.04
N THR A 367 -30.24 -20.60 7.03
CA THR A 367 -28.94 -19.96 6.89
C THR A 367 -29.12 -18.69 6.06
N ALA A 368 -28.02 -18.14 5.56
CA ALA A 368 -28.11 -16.97 4.70
C ALA A 368 -28.91 -17.22 3.44
N VAL A 369 -29.28 -18.47 3.14
CA VAL A 369 -30.05 -18.78 1.94
C VAL A 369 -31.39 -18.07 1.95
N ALA A 370 -31.97 -17.84 3.13
CA ALA A 370 -33.21 -17.09 3.24
C ALA A 370 -32.98 -15.60 3.48
N ALA A 371 -31.74 -15.18 3.71
CA ALA A 371 -31.43 -13.76 3.81
C ALA A 371 -31.58 -13.05 2.47
N ARG A 372 -31.53 -13.80 1.36
CA ARG A 372 -31.86 -13.28 0.05
C ARG A 372 -33.29 -13.67 -0.27
N GLY A 373 -34.13 -12.68 -0.52
CA GLY A 373 -35.58 -12.83 -0.56
C GLY A 373 -36.14 -14.09 -1.16
N LEU A 374 -37.03 -14.75 -0.43
CA LEU A 374 -37.70 -15.96 -0.90
C LEU A 374 -39.21 -15.78 -0.84
N SER A 377 -42.04 -13.34 2.54
CA SER A 377 -43.23 -13.68 3.30
C SER A 377 -43.47 -12.63 4.40
N ASN A 378 -44.63 -12.72 5.06
CA ASN A 378 -44.96 -11.79 6.14
C ASN A 378 -44.43 -12.34 7.46
N VAL A 379 -43.12 -12.23 7.62
CA VAL A 379 -42.46 -12.72 8.83
C VAL A 379 -42.56 -11.66 9.92
N LYS A 380 -43.06 -12.07 11.09
CA LYS A 380 -43.26 -11.14 12.20
C LYS A 380 -42.02 -10.99 13.08
N HIS A 381 -41.21 -12.03 13.20
CA HIS A 381 -40.06 -11.99 14.11
C HIS A 381 -38.87 -12.67 13.44
N VAL A 382 -37.80 -11.91 13.26
CA VAL A 382 -36.52 -12.44 12.79
C VAL A 382 -35.59 -12.58 13.99
N ILE A 383 -35.06 -13.77 14.21
CA ILE A 383 -34.18 -14.04 15.34
C ILE A 383 -32.81 -14.45 14.81
N ASN A 384 -31.79 -13.69 15.17
CA ASN A 384 -30.41 -14.05 14.85
C ASN A 384 -29.89 -14.97 15.95
N PHE A 385 -30.21 -16.26 15.81
CA PHE A 385 -29.66 -17.27 16.71
C PHE A 385 -28.14 -17.19 16.71
N ASP A 386 -27.55 -17.07 15.52
CA ASP A 386 -26.15 -16.71 15.36
C ASP A 386 -26.09 -15.41 14.59
N LEU A 387 -25.42 -14.41 15.15
CA LEU A 387 -25.21 -13.17 14.42
C LEU A 387 -24.25 -13.43 13.24
N PRO A 388 -24.45 -12.77 12.10
CA PRO A 388 -23.57 -13.00 10.96
C PRO A 388 -22.19 -12.40 11.20
N SER A 389 -21.23 -12.87 10.40
CA SER A 389 -19.85 -12.42 10.52
C SER A 389 -19.65 -10.99 10.02
N ASP A 390 -20.60 -10.43 9.28
CA ASP A 390 -20.50 -9.06 8.80
C ASP A 390 -21.86 -8.38 8.87
N ILE A 391 -21.83 -7.05 8.99
CA ILE A 391 -23.06 -6.29 9.20
C ILE A 391 -23.97 -6.26 7.97
N GLU A 392 -23.42 -6.44 6.77
CA GLU A 392 -24.27 -6.48 5.57
C GLU A 392 -25.28 -7.61 5.65
N GLU A 393 -24.85 -8.79 6.10
CA GLU A 393 -25.77 -9.91 6.24
C GLU A 393 -26.85 -9.61 7.27
N TYR A 394 -26.49 -8.90 8.34
CA TYR A 394 -27.48 -8.53 9.36
C TYR A 394 -28.60 -7.68 8.75
N VAL A 395 -28.25 -6.73 7.89
CA VAL A 395 -29.25 -5.88 7.26
C VAL A 395 -30.20 -6.70 6.39
N HIS A 396 -29.64 -7.63 5.61
CA HIS A 396 -30.47 -8.46 4.74
C HIS A 396 -31.36 -9.41 5.53
N ARG A 397 -30.92 -9.84 6.71
CA ARG A 397 -31.71 -10.77 7.50
C ARG A 397 -32.93 -10.09 8.11
N ILE A 398 -32.71 -9.01 8.85
CA ILE A 398 -33.82 -8.31 9.52
C ILE A 398 -34.79 -7.70 8.53
N GLY A 399 -34.34 -7.44 7.30
CA GLY A 399 -35.20 -6.90 6.27
C GLY A 399 -36.32 -7.81 5.82
N ARG A 400 -36.43 -9.00 6.39
CA ARG A 400 -37.49 -9.95 6.04
C ARG A 400 -38.73 -9.80 6.91
N THR A 401 -38.76 -8.81 7.80
CA THR A 401 -39.97 -8.51 8.56
C THR A 401 -40.87 -7.56 7.77
N GLY A 402 -42.06 -7.33 8.30
CA GLY A 402 -43.01 -6.44 7.68
C GLY A 402 -42.56 -4.99 7.69
N LEU A 407 -46.30 -5.79 15.12
CA LEU A 407 -45.35 -5.13 14.22
C LEU A 407 -44.04 -5.93 14.18
N GLY A 408 -43.30 -5.80 13.07
CA GLY A 408 -42.06 -6.52 12.88
C GLY A 408 -41.04 -6.32 13.97
N LEU A 409 -40.34 -7.39 14.34
CA LEU A 409 -39.36 -7.37 15.42
C LEU A 409 -38.16 -8.20 15.02
N ALA A 410 -36.99 -7.80 15.52
CA ALA A 410 -35.74 -8.51 15.28
C ALA A 410 -34.99 -8.64 16.60
N THR A 411 -34.68 -9.88 16.99
CA THR A 411 -33.95 -10.16 18.21
C THR A 411 -32.69 -10.96 17.87
N SER A 412 -31.54 -10.49 18.33
CA SER A 412 -30.26 -11.08 17.97
C SER A 412 -29.52 -11.54 19.22
N PHE A 413 -28.90 -12.71 19.14
CA PHE A 413 -28.07 -13.24 20.21
C PHE A 413 -26.62 -12.83 19.96
N PHE A 414 -25.95 -12.35 21.01
CA PHE A 414 -24.61 -11.83 20.91
C PHE A 414 -23.74 -12.42 22.02
N ASN A 415 -22.52 -12.79 21.67
CA ASN A 415 -21.51 -13.17 22.66
C ASN A 415 -20.13 -12.83 22.11
N GLU A 416 -19.09 -13.38 22.73
CA GLU A 416 -17.73 -13.03 22.35
C GLU A 416 -17.37 -13.45 20.94
N ARG A 417 -18.08 -14.44 20.37
CA ARG A 417 -17.85 -14.82 18.99
C ARG A 417 -18.21 -13.71 18.02
N ASN A 418 -19.06 -12.77 18.44
CA ASN A 418 -19.55 -11.70 17.58
C ASN A 418 -18.86 -10.36 17.83
N ILE A 419 -17.71 -10.37 18.52
CA ILE A 419 -17.00 -9.14 18.81
C ILE A 419 -16.54 -8.43 17.54
N ASN A 420 -16.46 -9.16 16.42
CA ASN A 420 -16.00 -8.56 15.16
C ASN A 420 -17.02 -7.60 14.56
N ILE A 421 -18.24 -7.54 15.07
CA ILE A 421 -19.23 -6.61 14.54
C ILE A 421 -19.81 -5.76 15.65
N THR A 422 -19.13 -5.71 16.80
CA THR A 422 -19.61 -4.91 17.92
C THR A 422 -19.76 -3.45 17.52
N LYS A 423 -18.74 -2.89 16.88
CA LYS A 423 -18.80 -1.49 16.47
C LYS A 423 -19.79 -1.29 15.32
N ASP A 424 -19.77 -2.17 14.32
CA ASP A 424 -20.69 -2.04 13.20
C ASP A 424 -22.14 -2.18 13.64
N LEU A 425 -22.42 -3.15 14.50
CA LEU A 425 -23.78 -3.29 15.03
C LEU A 425 -24.15 -2.09 15.89
N LEU A 426 -23.20 -1.58 16.68
CA LEU A 426 -23.45 -0.39 17.49
C LEU A 426 -23.79 0.81 16.60
N ASP A 427 -23.03 0.99 15.52
CA ASP A 427 -23.30 2.09 14.60
C ASP A 427 -24.67 1.94 13.94
N LEU A 428 -25.05 0.69 13.61
CA LEU A 428 -26.34 0.47 12.97
C LEU A 428 -27.49 0.82 13.89
N LEU A 429 -27.44 0.35 15.15
CA LEU A 429 -28.54 0.63 16.07
C LEU A 429 -28.69 2.13 16.31
N VAL A 430 -27.57 2.85 16.42
CA VAL A 430 -27.63 4.30 16.54
C VAL A 430 -28.21 4.91 15.26
N GLU A 431 -27.75 4.44 14.10
CA GLU A 431 -28.18 5.01 12.83
C GLU A 431 -29.68 4.81 12.61
N ALA A 432 -30.21 3.64 13.00
CA ALA A 432 -31.61 3.32 12.82
C ALA A 432 -32.48 3.77 13.98
N LYS A 433 -31.98 4.66 14.84
CA LYS A 433 -32.75 5.23 15.95
C LYS A 433 -33.31 4.16 16.89
N GLN A 434 -32.49 3.15 17.20
CA GLN A 434 -32.89 2.06 18.07
C GLN A 434 -32.26 2.21 19.45
N GLU A 435 -32.78 1.45 20.40
CA GLU A 435 -32.20 1.43 21.75
C GLU A 435 -30.87 0.70 21.73
N VAL A 436 -29.93 1.21 22.51
CA VAL A 436 -28.55 0.72 22.52
C VAL A 436 -28.24 0.19 23.91
N PRO A 437 -27.96 -1.10 24.07
CA PRO A 437 -27.53 -1.61 25.37
C PRO A 437 -26.22 -0.95 25.80
N SER A 438 -26.15 -0.60 27.09
CA SER A 438 -24.98 0.08 27.61
C SER A 438 -23.74 -0.79 27.49
N TRP A 439 -23.91 -2.10 27.67
CA TRP A 439 -22.77 -3.02 27.57
C TRP A 439 -22.22 -3.11 26.16
N LEU A 440 -23.06 -2.86 25.15
CA LEU A 440 -22.57 -2.93 23.77
C LEU A 440 -21.61 -1.78 23.48
N GLU A 441 -21.97 -0.56 23.90
CA GLU A 441 -21.04 0.56 23.78
C GLU A 441 -19.75 0.28 24.55
N ASN A 442 -19.90 -0.20 25.79
CA ASN A 442 -18.74 -0.44 26.64
C ASN A 442 -17.79 -1.45 26.01
N MET A 443 -18.33 -2.57 25.51
CA MET A 443 -17.49 -3.57 24.87
C MET A 443 -16.88 -3.04 23.58
N ALA A 444 -17.59 -2.18 22.86
CA ALA A 444 -17.06 -1.63 21.61
C ALA A 444 -15.85 -0.75 21.88
N TYR A 445 -15.95 0.15 22.86
CA TYR A 445 -14.84 1.05 23.15
C TYR A 445 -13.66 0.30 23.75
N GLU A 446 -13.90 -0.72 24.54
CA GLU A 446 -12.77 -1.43 25.19
C GLU A 446 -12.04 -2.27 24.14
N HIS A 447 -12.72 -2.66 23.06
CA HIS A 447 -12.11 -3.55 22.05
C HIS A 447 -11.32 -2.74 21.03
N HIS A 448 -11.80 -1.55 20.71
CA HIS A 448 -11.16 -0.73 19.66
C HIS A 448 -10.51 0.55 20.20
N TYR A 449 -11.05 1.14 21.26
CA TYR A 449 -10.59 2.44 21.75
C TYR A 449 -10.79 3.53 20.71
N ASP B 3 5.30 10.93 -29.40
CA ASP B 3 5.45 9.53 -29.01
C ASP B 3 5.69 9.43 -27.50
N ASP B 4 4.61 9.23 -26.75
CA ASP B 4 4.69 9.14 -25.29
C ASP B 4 5.03 7.71 -24.91
N TRP B 5 6.13 7.53 -24.18
CA TRP B 5 6.59 6.21 -23.79
C TRP B 5 6.05 5.75 -22.45
N SER B 6 5.35 6.61 -21.72
CA SER B 6 4.71 6.22 -20.47
C SER B 6 3.30 5.66 -20.68
N LYS B 7 2.81 5.62 -21.92
CA LYS B 7 1.46 5.14 -22.21
C LYS B 7 1.52 3.67 -22.61
N PRO B 8 0.82 2.78 -21.91
CA PRO B 8 0.79 1.38 -22.31
C PRO B 8 0.15 1.18 -23.68
N LEU B 9 0.72 0.26 -24.44
CA LEU B 9 0.15 -0.16 -25.72
C LEU B 9 -0.90 -1.25 -25.47
N PRO B 10 -1.73 -1.57 -26.46
CA PRO B 10 -2.82 -2.50 -26.21
C PRO B 10 -2.29 -3.87 -25.81
N PRO B 11 -3.03 -4.61 -25.00
CA PRO B 11 -2.54 -5.90 -24.50
C PRO B 11 -2.61 -6.99 -25.57
N SER B 12 -2.26 -8.20 -25.16
CA SER B 12 -2.35 -9.38 -26.01
C SER B 12 -2.51 -10.58 -25.07
N GLU B 13 -3.73 -11.11 -24.99
CA GLU B 13 -4.00 -12.23 -24.11
C GLU B 13 -3.04 -13.38 -24.37
N ARG B 14 -2.72 -13.61 -25.65
CA ARG B 14 -1.71 -14.60 -26.02
C ARG B 14 -0.40 -14.33 -25.29
N LEU B 15 0.09 -13.10 -25.39
CA LEU B 15 1.39 -12.76 -24.82
C LEU B 15 1.41 -12.84 -23.30
N GLU B 16 0.34 -12.39 -22.64
CA GLU B 16 0.30 -12.38 -21.18
C GLU B 16 0.55 -13.77 -20.60
N GLN B 17 -0.12 -14.78 -21.16
CA GLN B 17 0.01 -16.13 -20.62
C GLN B 17 1.43 -16.66 -20.81
N GLU B 18 2.02 -16.43 -21.98
CA GLU B 18 3.39 -16.88 -22.24
C GLU B 18 4.38 -16.27 -21.24
N LEU B 19 4.12 -15.04 -20.81
CA LEU B 19 5.08 -14.31 -19.98
C LEU B 19 4.87 -14.52 -18.48
N PHE B 20 3.61 -14.64 -18.03
CA PHE B 20 3.30 -14.53 -16.62
C PHE B 20 2.70 -15.77 -15.98
N SER B 21 2.10 -16.68 -16.75
CA SER B 21 1.37 -17.80 -16.16
C SER B 21 2.22 -18.60 -15.18
N GLY B 22 3.46 -18.89 -15.56
CA GLY B 22 4.38 -19.64 -14.72
C GLY B 22 5.68 -18.89 -14.54
N GLY B 23 6.76 -19.67 -14.45
CA GLY B 23 8.07 -19.08 -14.32
C GLY B 23 8.31 -18.51 -12.93
N ASN B 24 9.14 -17.46 -12.88
CA ASN B 24 9.54 -16.84 -11.62
C ASN B 24 8.49 -15.81 -11.18
N THR B 25 7.37 -16.32 -10.71
CA THR B 25 6.40 -15.46 -10.05
C THR B 25 6.90 -15.16 -8.63
N GLY B 26 6.14 -14.32 -7.92
CA GLY B 26 6.58 -13.84 -6.63
C GLY B 26 6.79 -14.96 -5.61
N ILE B 27 7.67 -14.68 -4.64
CA ILE B 27 7.96 -15.59 -3.54
C ILE B 27 7.76 -14.85 -2.23
N ASN B 28 7.28 -15.57 -1.22
CA ASN B 28 7.12 -15.01 0.11
C ASN B 28 8.51 -14.84 0.72
N PHE B 29 9.04 -13.62 0.69
N PHE B 29 8.99 -13.60 0.69
CA PHE B 29 10.36 -13.37 1.30
CA PHE B 29 10.29 -13.23 1.27
C PHE B 29 10.20 -12.99 2.77
C PHE B 29 10.15 -12.95 2.77
N GLU B 30 9.53 -13.88 3.50
CA GLU B 30 9.23 -13.68 4.92
C GLU B 30 10.26 -14.33 5.83
N LYS B 31 10.79 -15.49 5.46
CA LYS B 31 11.89 -16.09 6.21
C LYS B 31 13.04 -15.13 6.36
N TYR B 32 13.26 -14.29 5.35
CA TYR B 32 14.34 -13.33 5.34
C TYR B 32 13.93 -11.94 5.82
N ASP B 33 12.62 -11.69 6.03
CA ASP B 33 12.12 -10.37 6.38
C ASP B 33 12.76 -9.79 7.64
N ASP B 34 13.45 -10.61 8.45
CA ASP B 34 14.32 -10.11 9.49
C ASP B 34 15.66 -9.77 8.84
N ILE B 35 15.81 -8.52 8.44
CA ILE B 35 16.79 -8.12 7.43
C ILE B 35 17.90 -7.31 8.09
N PRO B 36 19.14 -7.79 8.07
CA PRO B 36 20.29 -6.87 8.21
C PRO B 36 20.65 -6.27 6.85
N VAL B 37 20.34 -4.99 6.64
CA VAL B 37 20.61 -4.32 5.37
C VAL B 37 21.12 -2.92 5.68
N GLU B 38 22.22 -2.54 5.03
CA GLU B 38 22.80 -1.20 5.22
C GLU B 38 23.18 -0.63 3.87
N ALA B 39 22.79 0.63 3.63
CA ALA B 39 23.16 1.37 2.43
C ALA B 39 23.88 2.64 2.87
N THR B 40 25.18 2.71 2.59
CA THR B 40 26.00 3.81 3.04
C THR B 40 26.54 4.58 1.83
N GLY B 41 26.50 5.90 1.93
CA GLY B 41 27.00 6.74 0.86
C GLY B 41 26.57 8.18 1.08
N ASN B 42 27.14 9.06 0.26
CA ASN B 42 26.87 10.48 0.37
C ASN B 42 25.43 10.77 -0.06
N ASN B 43 24.67 11.40 0.84
CA ASN B 43 23.27 11.76 0.58
C ASN B 43 22.47 10.57 0.03
N CYS B 44 22.52 9.46 0.75
CA CYS B 44 21.89 8.23 0.30
C CYS B 44 20.37 8.40 0.32
N PRO B 45 19.68 8.16 -0.79
CA PRO B 45 18.21 8.22 -0.78
C PRO B 45 17.65 7.19 0.19
N PRO B 46 16.58 7.53 0.90
CA PRO B 46 16.03 6.59 1.89
C PRO B 46 15.32 5.43 1.20
N HIS B 47 15.28 4.29 1.91
CA HIS B 47 14.68 3.09 1.36
C HIS B 47 13.16 3.26 1.26
N ILE B 48 12.54 2.33 0.53
CA ILE B 48 11.09 2.31 0.37
C ILE B 48 10.55 1.06 1.06
N GLU B 49 9.27 1.12 1.41
CA GLU B 49 8.56 -0.03 1.94
C GLU B 49 7.51 -0.57 0.98
N SER B 50 7.08 0.22 0.01
CA SER B 50 6.11 -0.19 -0.99
C SER B 50 6.56 0.36 -2.33
N PHE B 51 6.16 -0.31 -3.41
CA PHE B 51 6.43 0.21 -4.75
C PHE B 51 5.77 1.55 -4.99
N SER B 52 4.69 1.85 -4.26
CA SER B 52 4.01 3.14 -4.39
C SER B 52 4.85 4.29 -3.85
N ASP B 53 5.81 4.02 -2.96
CA ASP B 53 6.59 5.08 -2.35
C ASP B 53 7.40 5.87 -3.38
N VAL B 54 7.62 5.30 -4.56
CA VAL B 54 8.16 6.03 -5.70
C VAL B 54 7.24 5.77 -6.88
N GLU B 55 7.19 6.74 -7.80
CA GLU B 55 6.28 6.65 -8.94
C GLU B 55 6.94 5.81 -10.04
N MET B 56 6.74 4.50 -9.95
CA MET B 56 7.30 3.59 -10.96
C MET B 56 6.69 3.85 -12.33
N GLY B 57 5.46 4.34 -12.39
CA GLY B 57 4.78 4.55 -13.65
C GLY B 57 3.69 3.52 -13.89
N GLU B 58 2.80 3.85 -14.82
CA GLU B 58 1.65 3.00 -15.10
C GLU B 58 2.09 1.64 -15.64
N ILE B 59 3.06 1.63 -16.55
CA ILE B 59 3.48 0.38 -17.19
C ILE B 59 4.10 -0.57 -16.17
N ILE B 60 4.99 -0.06 -15.33
CA ILE B 60 5.72 -0.92 -14.39
C ILE B 60 4.78 -1.48 -13.33
N MET B 61 3.92 -0.64 -12.76
CA MET B 61 3.01 -1.10 -11.72
C MET B 61 2.06 -2.15 -12.25
N GLY B 62 1.59 -1.99 -13.50
CA GLY B 62 0.75 -3.02 -14.10
C GLY B 62 1.50 -4.32 -14.33
N ASN B 63 2.75 -4.23 -14.77
CA ASN B 63 3.54 -5.43 -15.01
C ASN B 63 4.02 -6.08 -13.71
N ILE B 64 4.19 -5.30 -12.65
CA ILE B 64 4.46 -5.89 -11.34
C ILE B 64 3.24 -6.67 -10.86
N GLU B 65 2.04 -6.15 -11.12
CA GLU B 65 0.82 -6.85 -10.74
C GLU B 65 0.65 -8.15 -11.51
N LEU B 66 1.13 -8.19 -12.76
CA LEU B 66 1.01 -9.41 -13.55
C LEU B 66 1.99 -10.49 -13.09
N THR B 67 3.21 -10.09 -12.74
CA THR B 67 4.20 -11.04 -12.27
C THR B 67 3.98 -11.45 -10.82
N ARG B 68 3.01 -10.82 -10.14
CA ARG B 68 2.57 -11.24 -8.80
C ARG B 68 3.61 -10.93 -7.72
N TYR B 69 4.31 -9.81 -7.87
CA TYR B 69 5.07 -9.21 -6.78
C TYR B 69 4.18 -8.22 -6.05
N THR B 70 4.26 -8.22 -4.71
CA THR B 70 3.41 -7.33 -3.92
C THR B 70 4.19 -6.28 -3.16
N ARG B 71 5.38 -6.58 -2.67
CA ARG B 71 6.20 -5.63 -1.95
C ARG B 71 7.66 -5.84 -2.30
N PRO B 72 8.48 -4.79 -2.26
CA PRO B 72 9.88 -4.94 -2.67
C PRO B 72 10.65 -5.84 -1.72
N THR B 73 11.59 -6.59 -2.29
CA THR B 73 12.51 -7.38 -1.49
C THR B 73 13.44 -6.44 -0.73
N PRO B 74 14.09 -6.93 0.33
CA PRO B 74 14.95 -6.05 1.13
C PRO B 74 16.03 -5.33 0.32
N VAL B 75 16.65 -6.03 -0.64
CA VAL B 75 17.60 -5.36 -1.52
C VAL B 75 16.90 -4.35 -2.43
N GLN B 76 15.67 -4.67 -2.85
CA GLN B 76 14.90 -3.74 -3.68
C GLN B 76 14.46 -2.52 -2.89
N LYS B 77 14.27 -2.65 -1.58
CA LYS B 77 13.85 -1.51 -0.76
C LYS B 77 14.83 -0.36 -0.88
N HIS B 78 16.12 -0.67 -0.99
CA HIS B 78 17.16 0.34 -1.13
C HIS B 78 17.56 0.59 -2.58
N ALA B 79 17.71 -0.47 -3.38
CA ALA B 79 18.21 -0.32 -4.74
C ALA B 79 17.27 0.52 -5.60
N ILE B 80 15.96 0.31 -5.46
CA ILE B 80 14.99 1.02 -6.32
C ILE B 80 15.04 2.53 -6.12
N PRO B 81 14.90 3.07 -4.91
CA PRO B 81 15.03 4.53 -4.76
C PRO B 81 16.40 5.06 -5.11
N ILE B 82 17.46 4.28 -4.86
CA ILE B 82 18.81 4.72 -5.21
C ILE B 82 18.94 4.90 -6.71
N ILE B 83 18.48 3.90 -7.47
CA ILE B 83 18.61 3.96 -8.93
C ILE B 83 17.70 5.03 -9.52
N LYS B 84 16.47 5.15 -9.02
CA LYS B 84 15.56 6.15 -9.56
C LYS B 84 15.99 7.57 -9.24
N GLU B 85 16.84 7.76 -8.24
CA GLU B 85 17.49 9.04 -8.01
C GLU B 85 18.77 9.19 -8.83
N LYS B 86 19.00 8.29 -9.79
CA LYS B 86 20.09 8.39 -10.76
C LYS B 86 21.47 8.29 -10.11
N ARG B 87 21.55 7.59 -8.99
CA ARG B 87 22.81 7.38 -8.28
C ARG B 87 23.38 6.01 -8.62
N ASP B 88 24.70 5.93 -8.67
CA ASP B 88 25.38 4.67 -8.91
C ASP B 88 25.28 3.77 -7.68
N LEU B 89 25.34 2.47 -7.91
CA LEU B 89 25.06 1.48 -6.86
C LEU B 89 26.05 0.33 -6.93
N MET B 90 26.64 0.00 -5.79
CA MET B 90 27.43 -1.21 -5.61
C MET B 90 26.68 -2.07 -4.61
N ALA B 91 26.03 -3.14 -5.10
CA ALA B 91 25.14 -3.95 -4.29
C ALA B 91 25.74 -5.34 -4.13
N CYS B 92 26.00 -5.72 -2.89
CA CYS B 92 26.41 -7.09 -2.55
C CYS B 92 25.20 -7.80 -1.96
N ALA B 93 24.62 -8.72 -2.73
CA ALA B 93 23.41 -9.41 -2.33
C ALA B 93 23.50 -10.88 -2.70
N GLN B 94 23.06 -11.73 -1.78
CA GLN B 94 23.14 -13.17 -1.97
C GLN B 94 22.12 -13.65 -3.01
N THR B 95 22.33 -14.88 -3.47
CA THR B 95 21.46 -15.46 -4.49
C THR B 95 20.02 -15.57 -3.97
N GLY B 96 19.07 -15.22 -4.83
CA GLY B 96 17.66 -15.29 -4.46
C GLY B 96 17.15 -14.08 -3.72
N SER B 97 17.84 -12.95 -3.79
CA SER B 97 17.39 -11.73 -3.11
C SER B 97 16.49 -10.85 -3.96
N GLY B 98 16.32 -11.18 -5.25
CA GLY B 98 15.61 -10.30 -6.15
C GLY B 98 16.46 -9.24 -6.79
N LYS B 99 17.75 -9.52 -7.03
CA LYS B 99 18.65 -8.52 -7.61
C LYS B 99 18.19 -8.11 -9.00
N THR B 100 17.70 -9.06 -9.79
CA THR B 100 17.40 -8.77 -11.20
C THR B 100 16.33 -7.69 -11.32
N ALA B 101 15.22 -7.84 -10.60
CA ALA B 101 14.18 -6.81 -10.62
C ALA B 101 14.62 -5.54 -9.91
N ALA B 102 15.64 -5.62 -9.05
CA ALA B 102 16.09 -4.44 -8.33
C ALA B 102 16.68 -3.39 -9.27
N PHE B 103 17.17 -3.80 -10.43
CA PHE B 103 17.64 -2.83 -11.43
C PHE B 103 16.74 -2.72 -12.65
N LEU B 104 16.07 -3.80 -13.06
CA LEU B 104 15.22 -3.74 -14.24
C LEU B 104 14.03 -2.80 -14.03
N LEU B 105 13.41 -2.86 -12.84
CA LEU B 105 12.26 -2.00 -12.57
C LEU B 105 12.58 -0.52 -12.61
N PRO B 106 13.57 -0.01 -11.85
CA PRO B 106 13.85 1.43 -11.92
C PRO B 106 14.38 1.89 -13.27
N ILE B 107 15.19 1.06 -13.94
CA ILE B 107 15.76 1.44 -15.23
C ILE B 107 14.65 1.59 -16.27
N LEU B 108 13.79 0.58 -16.38
CA LEU B 108 12.69 0.65 -17.35
C LEU B 108 11.73 1.76 -17.00
N SER B 109 11.47 1.98 -15.71
CA SER B 109 10.60 3.07 -15.29
C SER B 109 11.15 4.42 -15.74
N GLN B 110 12.47 4.61 -15.61
CA GLN B 110 13.09 5.85 -16.07
C GLN B 110 12.98 6.00 -17.58
N ILE B 111 13.18 4.90 -18.31
CA ILE B 111 13.11 4.97 -19.78
C ILE B 111 11.72 5.37 -20.24
N TYR B 112 10.68 4.82 -19.60
CA TYR B 112 9.31 5.17 -19.97
C TYR B 112 9.03 6.65 -19.72
N SER B 113 9.48 7.17 -18.57
CA SER B 113 9.21 8.57 -18.24
C SER B 113 10.02 9.51 -19.12
N ASP B 114 11.32 9.24 -19.28
CA ASP B 114 12.18 10.13 -20.04
C ASP B 114 12.01 10.01 -21.55
N GLY B 115 11.48 8.89 -22.02
CA GLY B 115 11.42 8.63 -23.44
C GLY B 115 12.76 8.15 -23.98
N PRO B 116 12.85 7.92 -25.28
CA PRO B 116 14.10 7.41 -25.86
C PRO B 116 15.22 8.44 -25.94
N GLY B 117 14.96 9.69 -25.59
CA GLY B 117 15.96 10.74 -25.71
C GLY B 117 15.98 11.36 -27.09
N GLU B 118 16.67 12.49 -27.19
CA GLU B 118 16.68 13.26 -28.42
C GLU B 118 17.49 12.57 -29.52
N ALA B 119 18.56 11.87 -29.16
CA ALA B 119 19.44 11.28 -30.17
C ALA B 119 18.71 10.22 -31.00
N LEU B 120 17.94 9.36 -30.35
CA LEU B 120 17.22 8.32 -31.08
C LEU B 120 16.18 8.91 -32.02
N ARG B 121 15.51 9.99 -31.59
CA ARG B 121 14.56 10.66 -32.47
C ARG B 121 15.26 11.26 -33.68
N ALA B 122 16.45 11.84 -33.46
CA ALA B 122 17.19 12.48 -34.54
C ALA B 122 17.73 11.50 -35.57
N MET B 123 17.66 10.21 -35.30
CA MET B 123 18.14 9.19 -36.21
C MET B 123 16.99 8.57 -37.01
N LYS B 124 17.35 7.92 -38.11
CA LYS B 124 16.37 7.24 -38.94
C LYS B 124 15.66 6.18 -38.12
N GLU B 125 14.33 6.30 -38.03
CA GLU B 125 13.55 5.37 -37.23
C GLU B 125 13.70 3.96 -37.79
N ASN B 126 13.82 2.98 -36.90
CA ASN B 126 14.03 1.60 -37.28
C ASN B 126 12.88 1.14 -38.18
N GLY B 127 13.19 0.90 -39.45
CA GLY B 127 12.16 0.58 -40.42
C GLY B 127 11.64 -0.84 -40.28
N ARG B 128 10.70 -1.17 -41.16
CA ARG B 128 10.21 -2.54 -41.21
C ARG B 128 11.31 -3.52 -41.60
N TYR B 129 12.28 -3.06 -42.38
CA TYR B 129 13.44 -3.85 -42.75
C TYR B 129 14.63 -3.59 -41.85
N GLY B 130 14.43 -2.87 -40.75
CA GLY B 130 15.44 -2.71 -39.72
C GLY B 130 16.63 -1.87 -40.12
N ARG B 131 17.50 -1.62 -39.16
CA ARG B 131 18.77 -0.93 -39.39
C ARG B 131 19.90 -1.85 -38.97
N ARG B 132 21.00 -1.80 -39.71
CA ARG B 132 22.11 -2.72 -39.45
C ARG B 132 22.66 -2.52 -38.04
N LYS B 133 22.76 -1.28 -37.59
CA LYS B 133 23.37 -0.97 -36.30
C LYS B 133 22.31 -0.45 -35.34
N GLN B 134 22.41 -0.89 -34.08
CA GLN B 134 21.47 -0.50 -33.04
C GLN B 134 22.24 0.12 -31.86
N TYR B 135 21.57 1.06 -31.18
CA TYR B 135 22.16 1.80 -30.07
C TYR B 135 21.32 1.56 -28.81
N PRO B 136 21.68 0.57 -27.99
CA PRO B 136 20.89 0.28 -26.79
C PRO B 136 20.95 1.42 -25.78
N ILE B 137 19.78 1.72 -25.21
CA ILE B 137 19.71 2.69 -24.12
C ILE B 137 20.34 2.13 -22.85
N SER B 138 20.13 0.84 -22.59
CA SER B 138 20.60 0.19 -21.37
C SER B 138 21.32 -1.10 -21.73
N LEU B 139 22.43 -1.36 -21.04
CA LEU B 139 23.23 -2.56 -21.25
C LEU B 139 23.36 -3.31 -19.93
N VAL B 140 22.99 -4.59 -19.94
CA VAL B 140 23.18 -5.48 -18.80
C VAL B 140 24.18 -6.56 -19.21
N LEU B 141 25.22 -6.72 -18.41
CA LEU B 141 26.26 -7.70 -18.68
C LEU B 141 26.13 -8.86 -17.69
N ALA B 142 26.18 -10.08 -18.19
CA ALA B 142 26.03 -11.29 -17.41
C ALA B 142 27.14 -12.27 -17.79
N PRO B 143 27.51 -13.19 -16.88
CA PRO B 143 28.65 -14.07 -17.17
C PRO B 143 28.34 -15.28 -18.04
N THR B 144 27.10 -15.76 -18.08
CA THR B 144 26.78 -16.98 -18.83
C THR B 144 25.53 -16.77 -19.66
N ARG B 145 25.28 -17.74 -20.55
CA ARG B 145 24.03 -17.76 -21.30
C ARG B 145 22.84 -17.94 -20.38
N GLU B 146 22.95 -18.87 -19.42
CA GLU B 146 21.83 -19.18 -18.54
C GLU B 146 21.37 -17.94 -17.77
N LEU B 147 22.32 -17.26 -17.12
CA LEU B 147 21.97 -16.07 -16.36
C LEU B 147 21.48 -14.94 -17.28
N ALA B 148 22.10 -14.80 -18.45
CA ALA B 148 21.68 -13.77 -19.39
C ALA B 148 20.25 -14.00 -19.88
N VAL B 149 19.90 -15.25 -20.15
CA VAL B 149 18.54 -15.57 -20.60
C VAL B 149 17.54 -15.27 -19.49
N GLN B 150 17.88 -15.62 -18.25
CA GLN B 150 16.97 -15.37 -17.13
C GLN B 150 16.72 -13.88 -16.93
N ILE B 151 17.78 -13.06 -17.07
CA ILE B 151 17.60 -11.62 -17.01
C ILE B 151 16.71 -11.14 -18.16
N TYR B 152 16.96 -11.66 -19.36
CA TYR B 152 16.18 -11.25 -20.53
C TYR B 152 14.71 -11.58 -20.38
N GLU B 153 14.40 -12.74 -19.80
CA GLU B 153 12.99 -13.12 -19.63
C GLU B 153 12.28 -12.17 -18.69
N GLU B 154 12.93 -11.78 -17.59
CA GLU B 154 12.31 -10.81 -16.69
C GLU B 154 12.15 -9.45 -17.36
N ALA B 155 13.07 -9.08 -18.24
CA ALA B 155 12.94 -7.83 -18.98
C ALA B 155 11.71 -7.84 -19.87
N ARG B 156 11.42 -8.98 -20.51
CA ARG B 156 10.22 -9.09 -21.32
C ARG B 156 8.96 -8.88 -20.49
N LYS B 157 8.93 -9.45 -19.28
CA LYS B 157 7.77 -9.29 -18.41
C LYS B 157 7.56 -7.83 -18.03
N PHE B 158 8.63 -7.11 -17.72
CA PHE B 158 8.52 -5.73 -17.29
C PHE B 158 8.47 -4.73 -18.46
N SER B 159 8.90 -5.14 -19.65
CA SER B 159 8.73 -4.33 -20.84
C SER B 159 7.46 -4.65 -21.60
N TYR B 160 6.61 -5.53 -21.06
CA TYR B 160 5.35 -5.86 -21.70
C TYR B 160 4.49 -4.61 -21.85
N ARG B 161 3.96 -4.40 -23.05
CA ARG B 161 3.14 -3.22 -23.40
C ARG B 161 3.97 -1.94 -23.45
N SER B 162 5.27 -2.03 -23.71
CA SER B 162 6.12 -0.87 -23.81
C SER B 162 6.75 -0.83 -25.20
N ARG B 163 7.34 0.32 -25.52
CA ARG B 163 8.12 0.47 -26.75
C ARG B 163 9.58 0.07 -26.55
N VAL B 164 9.96 -0.38 -25.36
CA VAL B 164 11.29 -0.90 -25.12
C VAL B 164 11.34 -2.35 -25.57
N ARG B 165 12.18 -2.63 -26.57
CA ARG B 165 12.34 -4.00 -27.04
C ARG B 165 13.62 -4.57 -26.47
N PRO B 166 13.56 -5.57 -25.59
CA PRO B 166 14.77 -6.17 -25.06
C PRO B 166 15.34 -7.22 -26.01
N CYS B 167 16.66 -7.37 -25.95
CA CYS B 167 17.37 -8.40 -26.71
C CYS B 167 18.45 -8.99 -25.83
N VAL B 168 18.84 -10.21 -26.15
CA VAL B 168 19.90 -10.91 -25.41
C VAL B 168 20.83 -11.60 -26.41
N VAL B 169 22.13 -11.48 -26.17
CA VAL B 169 23.15 -12.15 -26.96
C VAL B 169 24.13 -12.83 -26.02
N TYR B 170 24.63 -14.00 -26.42
CA TYR B 170 25.54 -14.77 -25.59
C TYR B 170 26.44 -15.61 -26.48
N GLY B 171 27.64 -15.89 -25.96
CA GLY B 171 28.57 -16.73 -26.69
C GLY B 171 28.12 -18.18 -26.72
N GLY B 172 28.80 -18.95 -27.56
CA GLY B 172 28.43 -20.34 -27.75
C GLY B 172 27.06 -20.52 -28.36
N ALA B 173 26.72 -19.71 -29.37
CA ALA B 173 25.45 -19.81 -30.06
C ALA B 173 25.63 -19.26 -31.48
N ASP B 174 24.52 -19.18 -32.21
CA ASP B 174 24.56 -18.68 -33.58
C ASP B 174 24.51 -17.16 -33.56
N ILE B 175 25.59 -16.52 -34.00
CA ILE B 175 25.59 -15.07 -34.13
C ILE B 175 24.54 -14.61 -35.13
N GLY B 176 24.19 -15.46 -36.09
CA GLY B 176 23.23 -15.06 -37.12
C GLY B 176 21.86 -14.75 -36.56
N GLN B 177 21.36 -15.62 -35.67
CA GLN B 177 20.08 -15.38 -35.03
C GLN B 177 20.11 -14.10 -34.21
N GLN B 178 21.18 -13.91 -33.43
CA GLN B 178 21.28 -12.75 -32.56
C GLN B 178 21.35 -11.45 -33.37
N ILE B 179 22.13 -11.46 -34.47
CA ILE B 179 22.20 -10.29 -35.33
C ILE B 179 20.82 -9.98 -35.91
N ARG B 180 20.17 -10.99 -36.48
CA ARG B 180 18.83 -10.80 -37.04
C ARG B 180 17.84 -10.35 -35.97
N ASP B 181 18.00 -10.83 -34.74
CA ASP B 181 17.13 -10.37 -33.65
C ASP B 181 17.46 -8.93 -33.25
N LEU B 182 18.74 -8.57 -33.28
CA LEU B 182 19.13 -7.19 -32.97
C LEU B 182 18.57 -6.22 -34.00
N GLU B 183 18.59 -6.60 -35.28
CA GLU B 183 18.21 -5.68 -36.35
C GLU B 183 16.75 -5.25 -36.26
N ARG B 184 15.93 -5.95 -35.48
CA ARG B 184 14.55 -5.55 -35.24
C ARG B 184 14.41 -4.55 -34.10
N GLY B 185 15.49 -3.94 -33.67
CA GLY B 185 15.44 -2.93 -32.63
C GLY B 185 15.98 -3.47 -31.31
N CYS B 186 16.67 -2.60 -30.56
CA CYS B 186 17.25 -3.00 -29.29
C CYS B 186 17.40 -1.75 -28.43
N HIS B 187 16.63 -1.65 -27.36
CA HIS B 187 16.75 -0.58 -26.39
C HIS B 187 17.36 -1.00 -25.07
N LEU B 188 17.12 -2.24 -24.65
CA LEU B 188 17.79 -2.84 -23.49
C LEU B 188 18.46 -4.12 -23.97
N LEU B 189 19.76 -4.23 -23.76
CA LEU B 189 20.53 -5.36 -24.22
C LEU B 189 21.12 -6.11 -23.04
N VAL B 190 20.95 -7.43 -23.02
CA VAL B 190 21.61 -8.32 -22.09
C VAL B 190 22.65 -9.11 -22.87
N ALA B 191 23.88 -9.14 -22.36
CA ALA B 191 24.95 -9.74 -23.14
C ALA B 191 26.00 -10.35 -22.23
N THR B 192 26.56 -11.47 -22.66
CA THR B 192 27.83 -11.91 -22.13
C THR B 192 28.93 -11.07 -22.79
N PRO B 193 30.02 -10.79 -22.06
CA PRO B 193 31.01 -9.82 -22.58
C PRO B 193 31.62 -10.21 -23.92
N GLY B 194 32.02 -11.47 -24.09
CA GLY B 194 32.69 -11.86 -25.32
C GLY B 194 31.82 -11.69 -26.55
N ARG B 195 30.54 -12.08 -26.45
CA ARG B 195 29.63 -11.93 -27.58
C ARG B 195 29.36 -10.46 -27.88
N LEU B 196 29.31 -9.62 -26.85
CA LEU B 196 29.07 -8.19 -27.08
C LEU B 196 30.22 -7.53 -27.83
N VAL B 197 31.47 -7.91 -27.51
CA VAL B 197 32.62 -7.36 -28.21
C VAL B 197 32.54 -7.69 -29.70
N ASP B 198 32.09 -8.90 -30.02
CA ASP B 198 31.95 -9.31 -31.42
C ASP B 198 30.96 -8.41 -32.15
N MET B 199 29.81 -8.14 -31.52
CA MET B 199 28.80 -7.31 -32.16
C MET B 199 29.30 -5.90 -32.40
N MET B 200 30.02 -5.32 -31.43
CA MET B 200 30.57 -3.99 -31.60
C MET B 200 31.60 -3.95 -32.72
N GLU B 201 32.44 -4.99 -32.81
CA GLU B 201 33.41 -5.07 -33.91
C GLU B 201 32.72 -5.19 -35.26
N ARG B 202 31.54 -5.80 -35.30
CA ARG B 202 30.81 -5.96 -36.56
C ARG B 202 29.95 -4.75 -36.91
N GLY B 203 30.02 -3.68 -36.12
CA GLY B 203 29.21 -2.51 -36.39
C GLY B 203 27.73 -2.74 -36.22
N LYS B 204 27.34 -3.70 -35.39
CA LYS B 204 25.93 -3.97 -35.11
C LYS B 204 25.43 -3.29 -33.85
N ILE B 205 26.31 -3.03 -32.87
CA ILE B 205 25.94 -2.44 -31.60
C ILE B 205 26.80 -1.20 -31.37
N GLY B 206 26.14 -0.08 -31.06
CA GLY B 206 26.84 1.12 -30.68
C GLY B 206 26.42 1.57 -29.29
N LEU B 207 27.40 1.86 -28.42
CA LEU B 207 27.14 2.22 -27.04
C LEU B 207 27.19 3.73 -26.81
N ASP B 208 27.02 4.53 -27.88
CA ASP B 208 27.14 5.97 -27.74
C ASP B 208 26.06 6.57 -26.85
N PHE B 209 24.88 5.94 -26.79
CA PHE B 209 23.76 6.46 -26.03
C PHE B 209 23.37 5.57 -24.87
N CYS B 210 24.25 4.65 -24.46
CA CYS B 210 23.97 3.77 -23.34
C CYS B 210 24.00 4.57 -22.05
N LYS B 211 22.82 4.73 -21.43
CA LYS B 211 22.70 5.54 -20.22
C LYS B 211 22.65 4.71 -18.95
N TYR B 212 22.37 3.41 -19.04
CA TYR B 212 22.27 2.53 -17.88
C TYR B 212 23.13 1.30 -18.13
N LEU B 213 24.19 1.14 -17.33
CA LEU B 213 25.08 0.00 -17.41
C LEU B 213 24.95 -0.81 -16.14
N VAL B 214 24.69 -2.11 -16.29
CA VAL B 214 24.53 -3.03 -15.17
C VAL B 214 25.49 -4.19 -15.34
N LEU B 215 26.27 -4.46 -14.30
CA LEU B 215 27.14 -5.64 -14.23
C LEU B 215 26.54 -6.57 -13.20
N ASP B 216 25.94 -7.66 -13.66
CA ASP B 216 25.29 -8.64 -12.79
C ASP B 216 26.23 -9.82 -12.58
N GLU B 217 26.25 -10.34 -11.36
CA GLU B 217 27.16 -11.42 -10.97
C GLU B 217 28.60 -11.04 -11.29
N ALA B 218 28.97 -9.83 -10.87
CA ALA B 218 30.23 -9.23 -11.29
C ALA B 218 31.42 -10.05 -10.79
N ASP B 219 31.33 -10.64 -9.60
CA ASP B 219 32.41 -11.45 -9.08
C ASP B 219 32.67 -12.66 -9.98
N ARG B 220 31.61 -13.31 -10.46
CA ARG B 220 31.78 -14.43 -11.37
C ARG B 220 32.39 -14.00 -12.70
N MET B 221 32.00 -12.83 -13.21
CA MET B 221 32.53 -12.36 -14.48
C MET B 221 34.04 -12.19 -14.42
N LEU B 222 34.55 -11.68 -13.30
CA LEU B 222 36.00 -11.63 -13.11
C LEU B 222 36.60 -13.03 -12.98
N ASP B 223 35.91 -13.92 -12.26
CA ASP B 223 36.42 -15.28 -12.09
C ASP B 223 36.52 -16.01 -13.43
N MET B 224 35.62 -15.72 -14.36
CA MET B 224 35.60 -16.37 -15.66
C MET B 224 36.50 -15.67 -16.67
N GLY B 225 37.28 -14.68 -16.24
CA GLY B 225 38.21 -14.02 -17.14
C GLY B 225 37.60 -13.03 -18.10
N PHE B 226 36.50 -12.38 -17.71
CA PHE B 226 35.84 -11.40 -18.57
C PHE B 226 36.30 -9.97 -18.33
N GLU B 227 37.26 -9.76 -17.43
CA GLU B 227 37.70 -8.40 -17.13
C GLU B 227 38.21 -7.64 -18.36
N PRO B 228 39.08 -8.20 -19.21
CA PRO B 228 39.50 -7.43 -20.40
C PRO B 228 38.36 -7.08 -21.33
N GLN B 229 37.41 -8.00 -21.54
CA GLN B 229 36.27 -7.69 -22.39
C GLN B 229 35.43 -6.56 -21.81
N ILE B 230 35.19 -6.60 -20.50
CA ILE B 230 34.38 -5.57 -19.85
C ILE B 230 35.07 -4.21 -19.96
N ARG B 231 36.37 -4.16 -19.71
CA ARG B 231 37.09 -2.89 -19.80
C ARG B 231 37.14 -2.38 -21.23
N ARG B 232 37.23 -3.29 -22.21
CA ARG B 232 37.12 -2.89 -23.60
C ARG B 232 35.74 -2.34 -23.92
N ILE B 233 34.69 -2.96 -23.37
CA ILE B 233 33.33 -2.49 -23.60
C ILE B 233 33.13 -1.10 -22.99
N VAL B 234 33.60 -0.90 -21.76
CA VAL B 234 33.25 0.30 -21.00
C VAL B 234 34.23 1.44 -21.25
N GLU B 235 35.53 1.16 -21.16
CA GLU B 235 36.53 2.22 -21.13
C GLU B 235 37.16 2.53 -22.48
N GLN B 236 37.20 1.57 -23.41
CA GLN B 236 37.92 1.72 -24.66
C GLN B 236 37.00 1.92 -25.86
N ASP B 237 35.80 2.44 -25.63
CA ASP B 237 34.84 2.60 -26.72
C ASP B 237 33.97 3.82 -26.44
N THR B 238 32.82 3.90 -27.10
CA THR B 238 32.00 5.10 -27.16
C THR B 238 31.04 5.26 -25.98
N MET B 239 31.04 4.35 -25.02
CA MET B 239 30.09 4.45 -23.92
C MET B 239 30.36 5.73 -23.12
N PRO B 240 29.32 6.49 -22.75
CA PRO B 240 29.54 7.68 -21.96
C PRO B 240 30.18 7.33 -20.62
N PRO B 241 30.99 8.22 -20.07
CA PRO B 241 31.79 7.89 -18.89
C PRO B 241 30.95 7.91 -17.62
N LYS B 242 31.61 7.62 -16.50
CA LYS B 242 30.96 7.64 -15.20
C LYS B 242 30.46 9.04 -14.89
N GLY B 243 29.31 9.12 -14.23
CA GLY B 243 28.65 10.38 -13.95
C GLY B 243 27.72 10.86 -15.04
N VAL B 244 27.92 10.40 -16.28
CA VAL B 244 26.98 10.66 -17.36
C VAL B 244 26.06 9.46 -17.46
N ARG B 245 26.63 8.30 -17.76
CA ARG B 245 25.87 7.07 -17.67
C ARG B 245 25.59 6.76 -16.20
N HIS B 246 24.57 5.94 -15.98
CA HIS B 246 24.20 5.49 -14.65
C HIS B 246 24.60 4.03 -14.54
N THR B 247 25.51 3.73 -13.63
CA THR B 247 26.16 2.42 -13.56
C THR B 247 25.79 1.72 -12.26
N MET B 248 25.54 0.41 -12.35
CA MET B 248 25.18 -0.39 -11.20
C MET B 248 25.92 -1.72 -11.29
N MET B 249 26.50 -2.15 -10.17
CA MET B 249 27.20 -3.43 -10.09
C MET B 249 26.56 -4.27 -9.01
N PHE B 250 26.13 -5.48 -9.38
CA PHE B 250 25.57 -6.44 -8.44
C PHE B 250 26.50 -7.65 -8.35
N SER B 251 26.68 -8.16 -7.14
CA SER B 251 27.59 -9.28 -6.91
C SER B 251 27.18 -9.97 -5.61
N ALA B 252 27.33 -11.30 -5.58
CA ALA B 252 27.05 -12.04 -4.35
C ALA B 252 28.15 -11.88 -3.31
N THR B 253 29.39 -11.74 -3.76
CA THR B 253 30.53 -11.56 -2.87
C THR B 253 31.19 -10.22 -3.17
N PHE B 254 32.00 -9.75 -2.23
CA PHE B 254 32.65 -8.44 -2.32
C PHE B 254 34.15 -8.60 -2.07
N PRO B 255 34.88 -9.21 -3.00
CA PRO B 255 36.34 -9.24 -2.89
C PRO B 255 36.92 -7.87 -3.23
N LYS B 256 38.22 -7.72 -2.97
CA LYS B 256 38.88 -6.46 -3.30
C LYS B 256 38.92 -6.24 -4.81
N GLU B 257 38.90 -7.32 -5.58
N GLU B 257 38.89 -7.31 -5.60
CA GLU B 257 38.84 -7.22 -7.04
CA GLU B 257 38.86 -7.15 -7.05
C GLU B 257 37.60 -6.44 -7.47
C GLU B 257 37.58 -6.44 -7.50
N ILE B 258 36.45 -6.77 -6.86
CA ILE B 258 35.20 -6.09 -7.19
C ILE B 258 35.23 -4.64 -6.71
N GLN B 259 35.79 -4.39 -5.53
CA GLN B 259 35.86 -3.01 -5.03
C GLN B 259 36.70 -2.13 -5.93
N MET B 260 37.84 -2.63 -6.40
CA MET B 260 38.67 -1.85 -7.32
C MET B 260 37.94 -1.56 -8.62
N LEU B 261 37.14 -2.53 -9.10
CA LEU B 261 36.33 -2.31 -10.29
C LEU B 261 35.24 -1.28 -10.01
N ALA B 262 34.66 -1.30 -8.81
CA ALA B 262 33.63 -0.33 -8.46
C ALA B 262 34.18 1.09 -8.47
N ARG B 263 35.36 1.29 -7.89
CA ARG B 263 35.97 2.63 -7.87
C ARG B 263 36.29 3.10 -9.29
N ASP B 264 36.60 2.18 -10.19
CA ASP B 264 36.90 2.56 -11.57
C ASP B 264 35.64 2.88 -12.37
N PHE B 265 34.53 2.19 -12.11
CA PHE B 265 33.34 2.31 -12.94
C PHE B 265 32.23 3.16 -12.35
N LEU B 266 32.19 3.33 -11.02
CA LEU B 266 31.06 3.96 -10.35
C LEU B 266 31.44 5.36 -9.88
N ASP B 267 30.47 6.28 -9.95
CA ASP B 267 30.68 7.68 -9.60
C ASP B 267 29.76 8.04 -8.44
N GLU B 268 30.36 8.52 -7.35
CA GLU B 268 29.62 8.98 -6.16
C GLU B 268 28.57 7.95 -5.73
N TYR B 269 29.00 6.70 -5.64
CA TYR B 269 28.06 5.59 -5.54
C TYR B 269 27.71 5.27 -4.09
N ILE B 270 26.66 4.45 -3.96
CA ILE B 270 26.20 3.93 -2.67
C ILE B 270 26.62 2.48 -2.58
N PHE B 271 27.13 2.08 -1.41
CA PHE B 271 27.47 0.69 -1.14
C PHE B 271 26.31 0.05 -0.39
N LEU B 272 25.69 -0.95 -1.00
CA LEU B 272 24.53 -1.63 -0.44
C LEU B 272 24.92 -3.06 -0.09
N ALA B 273 24.75 -3.43 1.17
CA ALA B 273 25.09 -4.75 1.67
C ALA B 273 23.86 -5.36 2.33
N VAL B 274 23.54 -6.60 1.96
CA VAL B 274 22.48 -7.36 2.61
C VAL B 274 23.09 -8.65 3.14
N GLY B 275 22.77 -8.97 4.39
CA GLY B 275 23.34 -10.14 5.05
C GLY B 275 24.05 -9.81 6.34
N SER B 281 27.50 -15.34 14.39
CA SER B 281 27.60 -15.73 15.79
C SER B 281 27.63 -17.25 15.91
N GLU B 282 28.78 -17.84 15.62
CA GLU B 282 28.91 -19.30 15.58
C GLU B 282 29.96 -19.86 16.53
N ASN B 283 30.80 -19.01 17.12
CA ASN B 283 31.68 -19.42 18.21
C ASN B 283 30.97 -19.40 19.57
N ILE B 284 29.64 -19.34 19.56
CA ILE B 284 28.84 -19.21 20.77
C ILE B 284 27.87 -20.38 20.82
N THR B 285 27.90 -21.13 21.91
CA THR B 285 26.91 -22.17 22.16
C THR B 285 25.64 -21.53 22.67
N GLN B 286 24.51 -21.83 22.02
CA GLN B 286 23.23 -21.19 22.33
C GLN B 286 22.23 -22.26 22.74
N LYS B 287 21.56 -22.04 23.86
CA LYS B 287 20.53 -22.93 24.36
C LYS B 287 19.24 -22.17 24.57
N VAL B 288 18.12 -22.78 24.19
CA VAL B 288 16.79 -22.24 24.42
C VAL B 288 16.00 -23.27 25.22
N VAL B 289 15.43 -22.84 26.34
CA VAL B 289 14.67 -23.72 27.22
C VAL B 289 13.33 -23.06 27.53
N TRP B 290 12.28 -23.88 27.60
CA TRP B 290 10.97 -23.38 27.98
C TRP B 290 10.92 -23.14 29.49
N VAL B 291 10.54 -21.93 29.89
CA VAL B 291 10.44 -21.57 31.30
C VAL B 291 9.20 -20.70 31.48
N GLU B 292 8.25 -21.18 32.29
CA GLU B 292 7.13 -20.33 32.67
C GLU B 292 7.64 -19.15 33.50
N GLU B 293 6.86 -18.07 33.50
CA GLU B 293 7.30 -16.84 34.16
C GLU B 293 7.59 -17.07 35.64
N SER B 294 6.73 -17.83 36.32
CA SER B 294 6.91 -18.07 37.74
C SER B 294 8.09 -18.99 38.06
N ASP B 295 8.71 -19.59 37.06
CA ASP B 295 9.85 -20.48 37.27
C ASP B 295 11.18 -19.89 36.82
N LYS B 296 11.18 -18.67 36.29
CA LYS B 296 12.42 -18.11 35.75
C LYS B 296 13.47 -17.91 36.85
N ARG B 297 13.04 -17.52 38.05
CA ARG B 297 13.99 -17.32 39.14
C ARG B 297 14.64 -18.64 39.56
N SER B 298 13.83 -19.69 39.73
CA SER B 298 14.38 -20.97 40.14
C SER B 298 15.29 -21.56 39.07
N PHE B 299 14.94 -21.38 37.79
CA PHE B 299 15.80 -21.84 36.71
C PHE B 299 17.13 -21.09 36.71
N LEU B 300 17.08 -19.78 36.96
CA LEU B 300 18.31 -18.98 36.99
C LEU B 300 19.22 -19.43 38.13
N LEU B 301 18.64 -19.76 39.28
CA LEU B 301 19.46 -20.19 40.42
C LEU B 301 20.24 -21.45 40.10
N ASP B 302 19.60 -22.41 39.42
CA ASP B 302 20.30 -23.64 39.07
C ASP B 302 21.49 -23.37 38.15
N LEU B 303 21.32 -22.48 37.17
CA LEU B 303 22.43 -22.11 36.30
C LEU B 303 23.53 -21.42 37.09
N LEU B 304 23.16 -20.51 37.99
CA LEU B 304 24.16 -19.82 38.80
C LEU B 304 24.89 -20.79 39.74
N ASN B 305 24.16 -21.73 40.32
CA ASN B 305 24.78 -22.75 41.16
C ASN B 305 25.69 -23.69 40.37
N ALA B 306 25.59 -23.69 39.04
CA ALA B 306 26.41 -24.53 38.19
C ALA B 306 27.57 -23.76 37.55
N THR B 307 27.74 -22.48 37.89
CA THR B 307 28.77 -21.65 37.27
C THR B 307 30.09 -21.78 38.01
N GLY B 308 31.19 -21.73 37.26
CA GLY B 308 32.50 -21.73 37.87
C GLY B 308 32.70 -20.56 38.81
N LYS B 309 33.71 -20.72 39.66
CA LYS B 309 33.97 -19.73 40.71
C LYS B 309 34.28 -18.36 40.13
N ASP B 310 35.00 -18.31 39.01
CA ASP B 310 35.42 -17.01 38.49
C ASP B 310 34.95 -16.79 37.05
N SER B 311 33.68 -17.07 36.77
CA SER B 311 33.09 -16.85 35.46
C SER B 311 32.06 -15.73 35.56
N LEU B 312 32.19 -14.74 34.68
CA LEU B 312 31.26 -13.61 34.68
C LEU B 312 29.97 -13.99 33.96
N THR B 313 28.84 -13.72 34.60
CA THR B 313 27.53 -14.01 34.05
C THR B 313 26.78 -12.71 33.83
N LEU B 314 26.27 -12.50 32.61
CA LEU B 314 25.48 -11.33 32.27
C LEU B 314 24.04 -11.78 32.04
N VAL B 315 23.12 -11.26 32.84
CA VAL B 315 21.72 -11.67 32.81
C VAL B 315 20.90 -10.51 32.27
N PHE B 316 20.18 -10.76 31.18
CA PHE B 316 19.37 -9.73 30.52
C PHE B 316 17.91 -9.87 30.90
N VAL B 317 17.29 -8.73 31.22
CA VAL B 317 15.87 -8.66 31.55
C VAL B 317 15.23 -7.55 30.72
N GLU B 318 13.89 -7.51 30.76
CA GLU B 318 13.17 -6.60 29.88
C GLU B 318 13.08 -5.18 30.46
N THR B 319 12.65 -5.05 31.71
CA THR B 319 12.33 -3.75 32.28
C THR B 319 13.32 -3.37 33.38
N LYS B 320 13.39 -2.06 33.64
CA LYS B 320 14.25 -1.55 34.71
C LYS B 320 13.77 -2.03 36.07
N LYS B 321 12.46 -2.03 36.31
CA LYS B 321 11.92 -2.53 37.56
C LYS B 321 12.27 -4.00 37.75
N GLY B 322 12.17 -4.79 36.67
CA GLY B 322 12.55 -6.19 36.77
C GLY B 322 14.01 -6.38 37.10
N ALA B 323 14.87 -5.49 36.59
CA ALA B 323 16.29 -5.56 36.90
C ALA B 323 16.55 -5.30 38.39
N ASP B 324 15.90 -4.27 38.94
CA ASP B 324 16.04 -3.98 40.37
C ASP B 324 15.49 -5.13 41.20
N SER B 325 14.34 -5.66 40.81
CA SER B 325 13.72 -6.74 41.59
C SER B 325 14.57 -8.01 41.56
N LEU B 326 15.13 -8.36 40.39
CA LEU B 326 15.94 -9.56 40.30
C LEU B 326 17.24 -9.42 41.08
N GLU B 327 17.81 -8.21 41.13
CA GLU B 327 19.03 -7.99 41.90
C GLU B 327 18.79 -8.19 43.39
N ASP B 328 17.70 -7.62 43.92
CA ASP B 328 17.40 -7.78 45.33
C ASP B 328 17.14 -9.24 45.68
N PHE B 329 16.44 -9.96 44.81
CA PHE B 329 16.18 -11.38 45.05
C PHE B 329 17.48 -12.17 45.11
N LEU B 330 18.35 -11.99 44.12
CA LEU B 330 19.62 -12.72 44.10
C LEU B 330 20.49 -12.37 45.29
N TYR B 331 20.42 -11.11 45.75
CA TYR B 331 21.21 -10.70 46.91
C TYR B 331 20.72 -11.40 48.17
N HIS B 332 19.41 -11.38 48.42
CA HIS B 332 18.87 -12.05 49.60
C HIS B 332 19.09 -13.55 49.55
N GLU B 333 19.13 -14.13 48.34
CA GLU B 333 19.48 -15.54 48.19
C GLU B 333 20.97 -15.79 48.43
N GLY B 334 21.79 -14.75 48.53
CA GLY B 334 23.18 -14.89 48.85
C GLY B 334 24.16 -14.79 47.69
N TYR B 335 23.69 -14.39 46.51
CA TYR B 335 24.54 -14.28 45.33
C TYR B 335 25.04 -12.84 45.19
N ALA B 336 26.35 -12.68 45.08
CA ALA B 336 26.94 -11.36 44.90
C ALA B 336 26.65 -10.89 43.48
N CYS B 337 25.81 -9.85 43.35
CA CYS B 337 25.37 -9.39 42.04
C CYS B 337 25.18 -7.88 42.08
N THR B 338 25.17 -7.29 40.89
CA THR B 338 24.88 -5.88 40.71
C THR B 338 23.98 -5.72 39.49
N SER B 339 23.55 -4.48 39.24
CA SER B 339 22.58 -4.24 38.18
C SER B 339 22.86 -2.91 37.50
N ILE B 340 22.33 -2.76 36.29
CA ILE B 340 22.50 -1.54 35.50
C ILE B 340 21.31 -1.41 34.55
N HIS B 341 20.81 -0.19 34.40
CA HIS B 341 19.75 0.09 33.43
C HIS B 341 19.78 1.58 33.08
N GLY B 342 18.77 2.01 32.32
CA GLY B 342 18.80 3.37 31.78
C GLY B 342 18.65 4.47 32.81
N ASP B 343 17.81 4.24 33.83
CA ASP B 343 17.60 5.25 34.85
C ASP B 343 18.84 5.47 35.72
N ARG B 344 19.81 4.55 35.66
CA ARG B 344 20.97 4.64 36.52
C ARG B 344 21.87 5.80 36.10
N SER B 345 22.30 6.60 37.07
CA SER B 345 23.26 7.66 36.80
C SER B 345 24.57 7.05 36.33
N GLN B 346 25.39 7.89 35.70
CA GLN B 346 26.68 7.41 35.19
C GLN B 346 27.55 6.89 36.33
N ARG B 347 27.48 7.54 37.49
CA ARG B 347 28.23 7.06 38.66
C ARG B 347 27.78 5.67 39.07
N ASP B 348 26.45 5.44 39.11
CA ASP B 348 25.95 4.13 39.50
C ASP B 348 26.29 3.07 38.47
N ARG B 349 26.31 3.43 37.19
CA ARG B 349 26.77 2.49 36.17
C ARG B 349 28.23 2.13 36.38
N GLU B 350 29.07 3.12 36.67
CA GLU B 350 30.49 2.86 36.89
C GLU B 350 30.72 2.00 38.12
N GLU B 351 29.97 2.25 39.20
CA GLU B 351 30.07 1.40 40.38
C GLU B 351 29.68 -0.04 40.06
N ALA B 352 28.60 -0.23 39.30
CA ALA B 352 28.16 -1.58 38.97
C ALA B 352 29.17 -2.29 38.07
N LEU B 353 29.66 -1.60 37.05
CA LEU B 353 30.67 -2.19 36.17
C LEU B 353 31.97 -2.48 36.90
N HIS B 354 32.34 -1.62 37.87
CA HIS B 354 33.55 -1.84 38.63
C HIS B 354 33.47 -3.14 39.43
N GLN B 355 32.33 -3.38 40.08
CA GLN B 355 32.16 -4.64 40.81
C GLN B 355 32.14 -5.82 39.85
N PHE B 356 31.53 -5.65 38.68
CA PHE B 356 31.43 -6.75 37.73
C PHE B 356 32.79 -7.10 37.15
N ARG B 357 33.55 -6.10 36.70
CA ARG B 357 34.86 -6.37 36.12
C ARG B 357 35.83 -6.93 37.16
N SER B 358 35.80 -6.40 38.38
CA SER B 358 36.70 -6.88 39.42
C SER B 358 36.35 -8.30 39.87
N GLY B 359 35.13 -8.77 39.59
CA GLY B 359 34.68 -10.07 40.02
C GLY B 359 34.06 -10.11 41.40
N LYS B 360 34.07 -9.00 42.13
CA LYS B 360 33.41 -8.96 43.43
C LYS B 360 31.91 -9.23 43.31
N SER B 361 31.30 -8.88 42.18
CA SER B 361 29.92 -9.20 41.87
C SER B 361 29.90 -9.80 40.47
N PRO B 362 30.11 -11.12 40.34
CA PRO B 362 30.31 -11.70 39.01
C PRO B 362 29.03 -11.87 38.21
N ILE B 363 27.93 -11.33 38.72
CA ILE B 363 26.63 -11.41 38.08
C ILE B 363 26.11 -10.00 37.85
N LEU B 364 25.76 -9.70 36.60
CA LEU B 364 25.24 -8.39 36.21
C LEU B 364 23.84 -8.56 35.63
N VAL B 365 22.86 -7.95 36.28
CA VAL B 365 21.48 -7.94 35.80
C VAL B 365 21.28 -6.64 35.03
N ALA B 366 21.05 -6.75 33.72
CA ALA B 366 21.04 -5.58 32.85
C ALA B 366 19.85 -5.63 31.91
N THR B 367 19.34 -4.44 31.58
CA THR B 367 18.39 -4.28 30.49
C THR B 367 19.16 -4.20 29.18
N ALA B 368 18.49 -3.74 28.12
CA ALA B 368 19.17 -3.54 26.84
C ALA B 368 20.29 -2.50 26.92
N VAL B 369 20.45 -1.82 28.06
CA VAL B 369 21.49 -0.80 28.19
C VAL B 369 22.89 -1.43 28.05
N ALA B 370 23.03 -2.69 28.44
CA ALA B 370 24.30 -3.39 28.29
C ALA B 370 24.39 -4.20 27.00
N ALA B 371 23.30 -4.30 26.24
CA ALA B 371 23.37 -4.96 24.94
C ALA B 371 24.25 -4.17 23.97
N ARG B 372 24.26 -2.85 24.10
CA ARG B 372 25.20 -2.01 23.36
C ARG B 372 26.44 -1.87 24.23
N GLY B 373 27.50 -2.60 23.84
CA GLY B 373 28.65 -2.84 24.69
C GLY B 373 29.24 -1.66 25.43
N LEU B 374 29.15 -1.70 26.76
CA LEU B 374 29.85 -0.76 27.62
C LEU B 374 31.19 -1.30 28.10
N ASP B 375 31.52 -2.55 27.76
CA ASP B 375 32.80 -3.16 28.09
C ASP B 375 33.03 -4.41 27.26
N ASN B 378 35.17 -9.76 29.25
CA ASN B 378 35.26 -11.20 29.05
C ASN B 378 34.13 -11.97 29.74
N VAL B 379 32.92 -11.78 29.24
CA VAL B 379 31.74 -12.43 29.80
C VAL B 379 31.67 -13.86 29.29
N LYS B 380 31.57 -14.81 30.21
CA LYS B 380 31.49 -16.23 29.82
C LYS B 380 30.07 -16.68 29.48
N HIS B 381 29.09 -16.28 30.29
CA HIS B 381 27.72 -16.76 30.13
C HIS B 381 26.77 -15.57 30.02
N VAL B 382 25.98 -15.56 28.96
CA VAL B 382 24.90 -14.59 28.78
C VAL B 382 23.58 -15.34 28.93
N ILE B 383 22.72 -14.84 29.81
CA ILE B 383 21.43 -15.46 30.08
C ILE B 383 20.34 -14.47 29.71
N ASN B 384 19.45 -14.88 28.80
CA ASN B 384 18.25 -14.10 28.51
C ASN B 384 17.16 -14.56 29.46
N PHE B 385 17.21 -14.03 30.69
CA PHE B 385 16.15 -14.23 31.65
C PHE B 385 14.80 -13.87 31.03
N ASP B 386 14.75 -12.76 30.30
CA ASP B 386 13.65 -12.43 29.41
C ASP B 386 14.20 -12.30 28.00
N LEU B 387 13.60 -13.01 27.06
CA LEU B 387 13.98 -12.85 25.68
C LEU B 387 13.51 -11.48 25.17
N PRO B 388 14.25 -10.86 24.27
CA PRO B 388 13.84 -9.55 23.74
C PRO B 388 12.66 -9.71 22.80
N SER B 389 12.02 -8.56 22.51
CA SER B 389 10.86 -8.55 21.64
C SER B 389 11.19 -8.65 20.16
N ASP B 390 12.46 -8.48 19.78
CA ASP B 390 12.87 -8.62 18.40
C ASP B 390 14.22 -9.33 18.33
N ILE B 391 14.48 -9.96 17.18
CA ILE B 391 15.64 -10.82 17.05
C ILE B 391 16.94 -10.01 16.99
N GLU B 392 16.88 -8.75 16.53
CA GLU B 392 18.09 -7.93 16.46
C GLU B 392 18.68 -7.74 17.85
N GLU B 393 17.83 -7.51 18.85
CA GLU B 393 18.30 -7.36 20.22
C GLU B 393 19.00 -8.64 20.71
N TYR B 394 18.47 -9.80 20.32
CA TYR B 394 19.07 -11.06 20.72
C TYR B 394 20.50 -11.17 20.21
N VAL B 395 20.75 -10.76 18.97
CA VAL B 395 22.09 -10.86 18.39
C VAL B 395 23.08 -9.99 19.17
N HIS B 396 22.67 -8.76 19.50
CA HIS B 396 23.55 -7.87 20.24
C HIS B 396 23.84 -8.41 21.63
N ARG B 397 22.84 -9.03 22.27
CA ARG B 397 23.03 -9.52 23.64
C ARG B 397 24.04 -10.66 23.69
N ILE B 398 23.87 -11.68 22.84
CA ILE B 398 24.74 -12.86 22.91
C ILE B 398 26.16 -12.54 22.47
N GLY B 399 26.35 -11.50 21.65
CA GLY B 399 27.67 -11.11 21.22
C GLY B 399 28.56 -10.55 22.29
N ARG B 400 28.09 -10.49 23.54
CA ARG B 400 28.88 -9.98 24.65
C ARG B 400 29.79 -11.04 25.25
N THR B 401 29.79 -12.26 24.72
CA THR B 401 30.63 -13.32 25.25
C THR B 401 32.03 -13.22 24.66
N GLY B 402 32.98 -13.83 25.36
CA GLY B 402 34.35 -13.83 24.90
C GLY B 402 34.71 -15.12 24.20
N LEU B 407 34.24 -21.76 27.36
CA LEU B 407 34.06 -20.91 26.19
C LEU B 407 32.68 -20.25 26.24
N GLY B 408 32.44 -19.31 25.31
CA GLY B 408 31.21 -18.55 25.29
C GLY B 408 29.93 -19.37 25.22
N LEU B 409 28.99 -19.07 26.10
CA LEU B 409 27.72 -19.76 26.17
C LEU B 409 26.60 -18.75 26.34
N ALA B 410 25.44 -19.05 25.74
CA ALA B 410 24.26 -18.21 25.86
C ALA B 410 23.05 -19.09 26.09
N THR B 411 22.33 -18.85 27.18
CA THR B 411 21.12 -19.60 27.53
C THR B 411 19.97 -18.62 27.62
N SER B 412 18.84 -18.97 26.99
CA SER B 412 17.69 -18.08 26.91
C SER B 412 16.44 -18.77 27.43
N PHE B 413 15.65 -18.05 28.22
CA PHE B 413 14.38 -18.55 28.72
C PHE B 413 13.28 -18.17 27.72
N PHE B 414 12.41 -19.13 27.40
CA PHE B 414 11.37 -18.96 26.40
C PHE B 414 10.04 -19.40 26.99
N ASN B 415 8.98 -18.65 26.69
CA ASN B 415 7.62 -19.09 26.98
C ASN B 415 6.68 -18.47 25.96
N GLU B 416 5.37 -18.55 26.23
CA GLU B 416 4.37 -18.08 25.27
C GLU B 416 4.45 -16.59 25.01
N ARG B 417 5.07 -15.82 25.90
CA ARG B 417 5.23 -14.39 25.69
C ARG B 417 6.23 -14.09 24.58
N ASN B 418 7.12 -15.02 24.27
CA ASN B 418 8.13 -14.84 23.24
C ASN B 418 7.75 -15.51 21.92
N ILE B 419 6.47 -15.80 21.72
CA ILE B 419 6.01 -16.43 20.48
C ILE B 419 6.22 -15.52 19.28
N ASN B 420 6.36 -14.22 19.50
CA ASN B 420 6.58 -13.27 18.41
C ASN B 420 7.93 -13.44 17.72
N ILE B 421 8.87 -14.17 18.34
CA ILE B 421 10.18 -14.39 17.76
C ILE B 421 10.48 -15.88 17.54
N THR B 422 9.46 -16.74 17.62
CA THR B 422 9.69 -18.17 17.52
C THR B 422 10.35 -18.54 16.19
N LYS B 423 9.83 -17.99 15.09
CA LYS B 423 10.42 -18.27 13.78
C LYS B 423 11.77 -17.57 13.62
N ASP B 424 11.84 -16.29 14.04
CA ASP B 424 13.10 -15.55 13.91
C ASP B 424 14.21 -16.20 14.71
N LEU B 425 13.90 -16.64 15.94
CA LEU B 425 14.88 -17.36 16.74
C LEU B 425 15.21 -18.71 16.11
N LEU B 426 14.20 -19.41 15.58
CA LEU B 426 14.44 -20.69 14.92
C LEU B 426 15.36 -20.53 13.72
N ASP B 427 15.10 -19.51 12.89
CA ASP B 427 15.95 -19.26 11.74
C ASP B 427 17.38 -18.97 12.15
N LEU B 428 17.56 -18.24 13.26
CA LEU B 428 18.89 -17.92 13.73
C LEU B 428 19.64 -19.16 14.18
N LEU B 429 18.97 -20.03 14.95
CA LEU B 429 19.63 -21.24 15.43
C LEU B 429 20.07 -22.14 14.27
N VAL B 430 19.22 -22.26 13.25
CA VAL B 430 19.60 -23.02 12.06
C VAL B 430 20.75 -22.34 11.34
N GLU B 431 20.68 -21.02 11.18
CA GLU B 431 21.70 -20.30 10.43
C GLU B 431 23.05 -20.31 11.13
N ALA B 432 23.06 -20.31 12.46
CA ALA B 432 24.29 -20.32 13.23
C ALA B 432 24.81 -21.74 13.50
N LYS B 433 24.27 -22.74 12.80
CA LYS B 433 24.70 -24.14 12.95
C LYS B 433 24.55 -24.63 14.39
N GLN B 434 23.57 -24.10 15.11
CA GLN B 434 23.29 -24.52 16.48
C GLN B 434 22.22 -25.60 16.50
N GLU B 435 22.03 -26.19 17.67
CA GLU B 435 21.07 -27.28 17.81
C GLU B 435 19.69 -26.74 18.16
N VAL B 436 18.68 -27.35 17.56
CA VAL B 436 17.32 -26.81 17.52
C VAL B 436 16.42 -27.70 18.36
N PRO B 437 15.79 -27.18 19.41
CA PRO B 437 14.76 -27.95 20.11
C PRO B 437 13.60 -28.24 19.18
N SER B 438 13.20 -29.51 19.13
CA SER B 438 12.13 -29.90 18.21
C SER B 438 10.82 -29.22 18.55
N TRP B 439 10.61 -28.86 19.82
CA TRP B 439 9.39 -28.15 20.17
C TRP B 439 9.41 -26.71 19.64
N LEU B 440 10.59 -26.13 19.45
CA LEU B 440 10.66 -24.80 18.86
C LEU B 440 10.21 -24.83 17.39
N GLU B 441 10.64 -25.84 16.64
CA GLU B 441 10.14 -26.01 15.28
C GLU B 441 8.64 -26.22 15.28
N ASN B 442 8.14 -27.05 16.19
CA ASN B 442 6.72 -27.38 16.23
C ASN B 442 5.88 -26.14 16.48
N MET B 443 6.25 -25.36 17.51
CA MET B 443 5.49 -24.16 17.82
C MET B 443 5.57 -23.13 16.69
N ALA B 444 6.70 -23.09 15.98
CA ALA B 444 6.84 -22.15 14.87
C ALA B 444 5.86 -22.47 13.75
N TYR B 445 5.82 -23.73 13.32
CA TYR B 445 4.90 -24.12 12.25
C TYR B 445 3.45 -24.02 12.69
N GLU B 446 3.17 -24.38 13.95
CA GLU B 446 1.80 -24.29 14.46
C GLU B 446 1.32 -22.84 14.52
N HIS B 447 2.23 -21.90 14.79
CA HIS B 447 1.83 -20.50 14.94
C HIS B 447 1.70 -19.78 13.60
N HIS B 448 2.50 -20.17 12.60
CA HIS B 448 2.52 -19.48 11.32
C HIS B 448 1.96 -20.30 10.16
N TYR B 449 2.18 -21.61 10.15
CA TYR B 449 1.87 -22.48 9.01
C TYR B 449 2.67 -22.06 7.78
#